data_5LOA
#
_entry.id   5LOA
#
_cell.length_a   75.020
_cell.length_b   64.580
_cell.length_c   82.060
_cell.angle_alpha   90.000
_cell.angle_beta   106.890
_cell.angle_gamma   90.000
#
_symmetry.space_group_name_H-M   'P 1 21 1'
#
loop_
_entity.id
_entity.type
_entity.pdbx_description
1 polymer 'Meso-diaminopimelate D-dehydrogenase'
2 non-polymer 'NADP NICOTINAMIDE-ADENINE-DINUCLEOTIDE PHOSPHATE'
3 water water
#
_entity_poly.entity_id   1
_entity_poly.type   'polypeptide(L)'
_entity_poly.pdbx_seq_one_letter_code
;TNIRVAIVGYGNLGRSVEKLIAKQPDMDLVGIFSRRATLDTKTPVFDVADVDKHADDVDVLFLCMGSATDIPEQAPKFAQ
FACTVDTYDNHRDIPRHRQVMNEAATAAGNVALVSTGWDPGMFSINRVYAAAVLAEHQQHTFWGPGLSLGHSGALRRIPG
VQKAVQYILPSEDALEKARRGEAGDLTGKQTHKMQCFVVADAADHERIENDIRTMPDYFVGYEVEVNFIDEATFDSEHTG
MPNGGHVITTGDTGGFNHTVEYILKLDRNPDFTASSQIAFGRAAHRMKQQGQSGAFTVLEVAPYLLSPENLDDLIARDV
;
_entity_poly.pdbx_strand_id   A,B
#
loop_
_chem_comp.id
_chem_comp.type
_chem_comp.name
_chem_comp.formula
NAP non-polymer 'NADP NICOTINAMIDE-ADENINE-DINUCLEOTIDE PHOSPHATE' 'C21 H28 N7 O17 P3'
#
# COMPACT_ATOMS: atom_id res chain seq x y z
N THR A 1 -12.07 -21.66 15.75
CA THR A 1 -11.01 -21.80 16.74
C THR A 1 -9.72 -21.11 16.28
N ASN A 2 -8.79 -20.92 17.22
CA ASN A 2 -7.57 -20.20 16.91
C ASN A 2 -6.70 -20.98 15.94
N ILE A 3 -5.89 -20.23 15.19
CA ILE A 3 -4.88 -20.84 14.34
C ILE A 3 -3.74 -21.33 15.22
N ARG A 4 -3.33 -22.58 15.02
CA ARG A 4 -2.23 -23.14 15.79
C ARG A 4 -0.91 -22.90 15.04
N VAL A 5 -0.01 -22.14 15.65
CA VAL A 5 1.22 -21.70 14.99
C VAL A 5 2.45 -22.23 15.75
N ALA A 6 3.53 -22.45 15.01
CA ALA A 6 4.82 -22.82 15.61
C ALA A 6 5.92 -22.05 14.88
N ILE A 7 7.06 -21.94 15.54
CA ILE A 7 8.22 -21.17 15.07
C ILE A 7 9.34 -22.16 14.79
N VAL A 8 9.95 -22.06 13.60
CA VAL A 8 11.12 -22.86 13.27
C VAL A 8 12.33 -21.93 13.23
N GLY A 9 13.25 -22.12 14.18
CA GLY A 9 14.43 -21.27 14.25
C GLY A 9 14.28 -20.16 15.28
N TYR A 10 15.09 -20.20 16.36
CA TYR A 10 14.95 -19.24 17.44
C TYR A 10 16.08 -18.21 17.47
N GLY A 11 16.20 -17.41 16.41
CA GLY A 11 17.04 -16.22 16.41
C GLY A 11 16.24 -14.97 16.71
N ASN A 12 16.72 -13.83 16.21
CA ASN A 12 16.04 -12.56 16.47
C ASN A 12 14.62 -12.56 15.93
N LEU A 13 14.45 -13.03 14.70
CA LEU A 13 13.11 -13.06 14.10
C LEU A 13 12.21 -14.02 14.85
N GLY A 14 12.71 -15.22 15.15
CA GLY A 14 11.92 -16.17 15.91
C GLY A 14 11.49 -15.62 17.26
N ARG A 15 12.37 -14.86 17.92
CA ARG A 15 11.99 -14.28 19.21
C ARG A 15 10.95 -13.20 19.06
N SER A 16 11.08 -12.39 18.01
CA SER A 16 10.06 -11.37 17.72
C SER A 16 8.72 -12.03 17.43
N VAL A 17 8.71 -13.08 16.61
CA VAL A 17 7.46 -13.77 16.32
C VAL A 17 6.85 -14.31 17.61
N GLU A 18 7.66 -14.98 18.43
CA GLU A 18 7.16 -15.54 19.69
C GLU A 18 6.46 -14.49 20.55
N LYS A 19 7.11 -13.36 20.78
CA LYS A 19 6.54 -12.41 21.72
C LYS A 19 5.29 -11.73 21.16
N LEU A 20 5.16 -11.67 19.83
CA LEU A 20 4.00 -11.01 19.23
C LEU A 20 2.78 -11.91 19.11
N ILE A 21 2.94 -13.23 19.21
CA ILE A 21 1.79 -14.12 19.18
C ILE A 21 0.85 -13.81 20.33
N ALA A 22 1.39 -13.42 21.49
CA ALA A 22 0.56 -13.06 22.62
C ALA A 22 -0.39 -11.91 22.29
N LYS A 23 0.01 -11.01 21.39
CA LYS A 23 -0.85 -9.92 20.94
C LYS A 23 -1.87 -10.35 19.90
N GLN A 24 -1.86 -11.62 19.47
CA GLN A 24 -2.84 -11.99 18.45
C GLN A 24 -4.08 -12.58 19.11
N PRO A 25 -5.27 -12.13 18.73
CA PRO A 25 -6.49 -12.71 19.33
C PRO A 25 -6.77 -14.11 18.82
N ASP A 26 -6.21 -14.50 17.68
CA ASP A 26 -6.65 -15.68 16.97
C ASP A 26 -5.53 -16.68 16.72
N MET A 27 -4.46 -16.63 17.51
CA MET A 27 -3.35 -17.57 17.33
C MET A 27 -2.88 -18.11 18.66
N ASP A 28 -2.54 -19.40 18.67
CA ASP A 28 -1.96 -20.08 19.82
C ASP A 28 -0.60 -20.64 19.44
N LEU A 29 0.42 -20.31 20.23
CA LEU A 29 1.78 -20.79 19.97
C LEU A 29 1.95 -22.18 20.55
N VAL A 30 2.22 -23.15 19.67
CA VAL A 30 2.36 -24.55 20.05
C VAL A 30 3.78 -24.88 20.52
N GLY A 31 4.80 -24.34 19.86
CA GLY A 31 6.17 -24.61 20.26
C GLY A 31 7.15 -23.96 19.31
N ILE A 32 8.43 -24.11 19.67
CA ILE A 32 9.57 -23.71 18.86
C ILE A 32 10.28 -24.97 18.40
N PHE A 33 10.61 -25.05 17.12
CA PHE A 33 11.42 -26.14 16.59
C PHE A 33 12.82 -25.61 16.35
N SER A 34 13.81 -26.16 17.05
CA SER A 34 15.15 -25.59 17.06
C SER A 34 16.18 -26.69 16.89
N ARG A 35 17.30 -26.31 16.27
CA ARG A 35 18.49 -27.15 16.19
C ARG A 35 19.27 -27.16 17.50
N ARG A 36 18.85 -26.36 18.47
CA ARG A 36 19.45 -26.31 19.80
C ARG A 36 18.47 -26.86 20.83
N ALA A 37 19.02 -27.56 21.82
CA ALA A 37 18.23 -28.26 22.83
C ALA A 37 17.66 -27.33 23.88
N THR A 38 18.43 -26.32 24.29
CA THR A 38 18.11 -25.51 25.47
C THR A 38 17.99 -24.05 25.04
N LEU A 39 16.77 -23.51 25.12
CA LEU A 39 16.55 -22.12 24.75
C LEU A 39 16.01 -21.34 25.94
N ASP A 40 16.38 -20.06 26.01
CA ASP A 40 15.95 -19.20 27.12
C ASP A 40 14.52 -18.74 26.87
N THR A 41 13.58 -19.65 27.08
CA THR A 41 12.17 -19.37 26.90
C THR A 41 11.35 -20.42 27.64
N LYS A 42 10.14 -20.04 28.05
CA LYS A 42 9.19 -21.00 28.62
C LYS A 42 8.32 -21.67 27.57
N THR A 43 8.32 -21.16 26.35
CA THR A 43 7.64 -21.86 25.26
C THR A 43 8.22 -23.27 25.12
N PRO A 44 7.39 -24.28 24.85
CA PRO A 44 7.92 -25.62 24.61
C PRO A 44 8.87 -25.63 23.43
N VAL A 45 9.99 -26.34 23.57
CA VAL A 45 11.00 -26.47 22.52
C VAL A 45 11.02 -27.91 22.04
N PHE A 46 10.98 -28.09 20.73
CA PHE A 46 11.00 -29.41 20.11
C PHE A 46 12.18 -29.50 19.15
N ASP A 47 12.62 -30.72 18.91
CA ASP A 47 13.63 -30.99 17.89
C ASP A 47 13.05 -30.72 16.50
N VAL A 48 13.78 -29.94 15.70
CA VAL A 48 13.31 -29.64 14.34
C VAL A 48 13.08 -30.91 13.56
N ALA A 49 13.79 -31.99 13.89
CA ALA A 49 13.60 -33.26 13.20
C ALA A 49 12.23 -33.88 13.46
N ASP A 50 11.49 -33.41 14.47
CA ASP A 50 10.21 -34.00 14.85
C ASP A 50 9.02 -33.16 14.41
N VAL A 51 9.19 -32.25 13.45
CA VAL A 51 8.04 -31.50 12.95
C VAL A 51 6.95 -32.46 12.47
N ASP A 52 7.34 -33.56 11.84
CA ASP A 52 6.37 -34.52 11.33
C ASP A 52 5.48 -35.08 12.44
N LYS A 53 5.99 -35.18 13.66
CA LYS A 53 5.19 -35.67 14.79
C LYS A 53 4.19 -34.63 15.32
N HIS A 54 4.32 -33.37 14.92
CA HIS A 54 3.39 -32.32 15.35
C HIS A 54 2.56 -31.78 14.19
N ALA A 55 2.68 -32.39 13.00
CA ALA A 55 2.06 -31.84 11.80
C ALA A 55 0.56 -31.66 11.97
N ASP A 56 -0.11 -32.60 12.63
CA ASP A 56 -1.54 -32.45 12.84
C ASP A 56 -1.88 -31.39 13.90
N ASP A 57 -0.90 -30.98 14.69
CA ASP A 57 -1.14 -29.96 15.71
C ASP A 57 -0.81 -28.55 15.26
N VAL A 58 -0.27 -28.35 14.04
CA VAL A 58 0.23 -27.04 13.61
C VAL A 58 -0.44 -26.66 12.30
N ASP A 59 -1.11 -25.50 12.29
CA ASP A 59 -1.69 -24.97 11.06
C ASP A 59 -0.68 -24.15 10.26
N VAL A 60 0.16 -23.34 10.92
CA VAL A 60 1.13 -22.48 10.26
C VAL A 60 2.49 -22.61 10.93
N LEU A 61 3.53 -22.88 10.14
CA LEU A 61 4.91 -22.84 10.59
C LEU A 61 5.53 -21.52 10.15
N PHE A 62 5.94 -20.69 11.10
CA PHE A 62 6.75 -19.51 10.84
C PHE A 62 8.21 -19.91 10.68
N LEU A 63 8.74 -19.80 9.46
CA LEU A 63 10.12 -20.20 9.19
C LEU A 63 11.03 -19.02 9.50
N CYS A 64 11.89 -19.17 10.49
CA CYS A 64 12.71 -18.08 11.01
C CYS A 64 14.18 -18.47 11.00
N MET A 65 14.58 -19.38 10.11
CA MET A 65 15.96 -19.73 9.91
C MET A 65 16.64 -18.68 9.02
N GLY A 66 17.94 -18.84 8.82
CA GLY A 66 18.69 -17.88 8.02
C GLY A 66 18.37 -18.01 6.54
N SER A 67 18.33 -16.87 5.84
CA SER A 67 18.02 -16.88 4.41
C SER A 67 19.19 -17.38 3.58
N ALA A 68 20.43 -17.26 4.07
CA ALA A 68 21.60 -17.50 3.22
C ALA A 68 21.57 -18.89 2.60
N THR A 69 21.41 -19.92 3.41
CA THR A 69 21.29 -21.27 2.88
C THR A 69 20.12 -22.03 3.50
N ASP A 70 19.79 -21.74 4.77
CA ASP A 70 18.84 -22.60 5.48
C ASP A 70 17.43 -22.56 4.86
N ILE A 71 16.93 -21.37 4.50
CA ILE A 71 15.60 -21.31 3.87
C ILE A 71 15.54 -22.12 2.58
N PRO A 72 16.42 -21.90 1.59
CA PRO A 72 16.28 -22.64 0.32
C PRO A 72 16.27 -24.15 0.49
N GLU A 73 17.12 -24.69 1.37
CA GLU A 73 17.24 -26.14 1.52
C GLU A 73 16.15 -26.70 2.43
N GLN A 74 15.75 -25.97 3.47
CA GLN A 74 14.86 -26.56 4.46
C GLN A 74 13.39 -26.28 4.20
N ALA A 75 13.06 -25.07 3.74
CA ALA A 75 11.67 -24.65 3.67
C ALA A 75 10.78 -25.61 2.87
N PRO A 76 11.19 -26.11 1.70
CA PRO A 76 10.31 -27.06 0.99
C PRO A 76 9.92 -28.27 1.82
N LYS A 77 10.83 -28.77 2.66
CA LYS A 77 10.51 -29.90 3.52
C LYS A 77 9.40 -29.54 4.51
N PHE A 78 9.45 -28.33 5.08
CA PHE A 78 8.46 -27.98 6.09
C PHE A 78 7.06 -27.84 5.49
N ALA A 79 6.96 -27.50 4.20
CA ALA A 79 5.65 -27.31 3.59
C ALA A 79 4.85 -28.60 3.51
N GLN A 80 5.49 -29.76 3.70
CA GLN A 80 4.68 -30.97 3.72
C GLN A 80 3.87 -31.08 5.01
N PHE A 81 4.17 -30.30 6.04
CA PHE A 81 3.55 -30.48 7.34
C PHE A 81 2.55 -29.41 7.74
N ALA A 82 2.58 -28.23 7.12
CA ALA A 82 1.70 -27.13 7.51
C ALA A 82 1.75 -26.06 6.43
N CYS A 83 0.91 -25.04 6.59
CA CYS A 83 1.19 -23.81 5.88
C CYS A 83 2.50 -23.22 6.40
N THR A 84 3.24 -22.54 5.53
CA THR A 84 4.52 -21.96 5.91
C THR A 84 4.53 -20.48 5.54
N VAL A 85 5.28 -19.71 6.31
CA VAL A 85 5.49 -18.30 6.01
C VAL A 85 6.95 -18.00 6.26
N ASP A 86 7.65 -17.50 5.24
CA ASP A 86 9.04 -17.12 5.37
C ASP A 86 9.23 -15.67 4.96
N THR A 87 10.42 -15.14 5.27
CA THR A 87 10.79 -13.77 4.94
C THR A 87 12.00 -13.74 4.02
N TYR A 88 12.18 -14.81 3.25
CA TYR A 88 13.36 -15.02 2.41
C TYR A 88 13.70 -13.79 1.58
N ASP A 89 14.90 -13.24 1.79
CA ASP A 89 15.20 -11.94 1.23
C ASP A 89 16.25 -11.95 0.14
N ASN A 90 16.60 -13.12 -0.41
CA ASN A 90 17.51 -13.15 -1.57
C ASN A 90 16.68 -12.90 -2.82
N HIS A 91 16.56 -11.61 -3.19
CA HIS A 91 15.64 -11.23 -4.26
C HIS A 91 15.90 -12.01 -5.55
N ARG A 92 17.17 -12.22 -5.89
CA ARG A 92 17.52 -12.91 -7.13
C ARG A 92 17.15 -14.38 -7.13
N ASP A 93 16.78 -14.94 -5.98
CA ASP A 93 16.41 -16.34 -5.86
C ASP A 93 14.92 -16.54 -5.59
N ILE A 94 14.15 -15.46 -5.48
CA ILE A 94 12.74 -15.58 -5.12
C ILE A 94 11.95 -16.36 -6.16
N PRO A 95 12.11 -16.13 -7.48
CA PRO A 95 11.33 -16.96 -8.43
C PRO A 95 11.59 -18.44 -8.26
N ARG A 96 12.85 -18.86 -8.09
CA ARG A 96 13.13 -20.28 -7.89
C ARG A 96 12.55 -20.77 -6.56
N HIS A 97 12.74 -19.99 -5.49
CA HIS A 97 12.19 -20.37 -4.19
C HIS A 97 10.68 -20.56 -4.28
N ARG A 98 9.98 -19.63 -4.94
CA ARG A 98 8.54 -19.78 -5.12
C ARG A 98 8.20 -21.06 -5.89
N GLN A 99 8.93 -21.35 -6.96
CA GLN A 99 8.59 -22.53 -7.75
C GLN A 99 8.74 -23.81 -6.93
N VAL A 100 9.83 -23.92 -6.18
CA VAL A 100 10.07 -25.12 -5.41
C VAL A 100 9.08 -25.22 -4.25
N MET A 101 8.80 -24.10 -3.60
CA MET A 101 7.81 -24.11 -2.53
C MET A 101 6.44 -24.45 -3.09
N ASN A 102 6.14 -23.98 -4.31
CA ASN A 102 4.84 -24.26 -4.90
C ASN A 102 4.65 -25.75 -5.13
N GLU A 103 5.67 -26.45 -5.66
CA GLU A 103 5.57 -27.88 -5.84
C GLU A 103 5.30 -28.58 -4.51
N ALA A 104 6.09 -28.26 -3.49
CA ALA A 104 5.93 -28.94 -2.20
C ALA A 104 4.59 -28.60 -1.56
N ALA A 105 4.19 -27.33 -1.58
CA ALA A 105 2.96 -26.95 -0.92
C ALA A 105 1.75 -27.52 -1.65
N THR A 106 1.77 -27.50 -2.98
CA THR A 106 0.68 -28.08 -3.76
C THR A 106 0.54 -29.57 -3.46
N ALA A 107 1.66 -30.30 -3.47
CA ALA A 107 1.62 -31.73 -3.19
C ALA A 107 1.02 -32.01 -1.82
N ALA A 108 1.24 -31.12 -0.85
CA ALA A 108 0.75 -31.31 0.50
C ALA A 108 -0.61 -30.68 0.76
N GLY A 109 -1.14 -29.89 -0.18
CA GLY A 109 -2.40 -29.22 0.06
C GLY A 109 -2.32 -28.08 1.04
N ASN A 110 -1.15 -27.47 1.18
CA ASN A 110 -0.95 -26.35 2.09
C ASN A 110 -0.70 -25.08 1.28
N VAL A 111 -0.69 -23.95 1.99
CA VAL A 111 -0.34 -22.66 1.39
C VAL A 111 0.97 -22.18 1.99
N ALA A 112 1.94 -21.88 1.12
CA ALA A 112 3.20 -21.26 1.50
C ALA A 112 3.21 -19.81 1.04
N LEU A 113 3.33 -18.89 1.99
CA LEU A 113 3.62 -17.50 1.70
C LEU A 113 5.13 -17.30 1.78
N VAL A 114 5.74 -16.89 0.66
CA VAL A 114 7.19 -16.72 0.60
C VAL A 114 7.51 -15.25 0.57
N SER A 115 8.67 -14.91 1.15
CA SER A 115 9.27 -13.57 0.99
C SER A 115 8.37 -12.47 1.53
N THR A 116 7.76 -12.74 2.68
CA THR A 116 7.08 -11.72 3.45
C THR A 116 8.10 -10.88 4.22
N GLY A 117 7.61 -9.88 4.95
CA GLY A 117 8.45 -8.95 5.69
C GLY A 117 8.18 -7.53 5.26
N TRP A 118 9.24 -6.71 5.24
CA TRP A 118 9.10 -5.36 4.71
C TRP A 118 9.91 -5.11 3.44
N ASP A 119 11.07 -5.74 3.26
CA ASP A 119 11.63 -5.83 1.91
C ASP A 119 12.50 -7.08 1.80
N PRO A 120 12.01 -8.11 1.09
CA PRO A 120 10.72 -8.18 0.38
C PRO A 120 9.52 -8.12 1.34
N GLY A 121 8.36 -7.69 0.87
CA GLY A 121 7.19 -7.64 1.72
C GLY A 121 6.43 -6.36 1.46
N MET A 122 6.29 -5.51 2.48
CA MET A 122 5.54 -4.27 2.30
C MET A 122 6.13 -3.41 1.18
N PHE A 123 7.47 -3.37 1.06
CA PHE A 123 8.04 -2.54 -0.02
C PHE A 123 7.70 -3.14 -1.39
N SER A 124 7.69 -4.47 -1.48
CA SER A 124 7.29 -5.15 -2.71
C SER A 124 5.88 -4.74 -3.10
N ILE A 125 4.95 -4.79 -2.14
CA ILE A 125 3.56 -4.42 -2.39
C ILE A 125 3.47 -2.98 -2.86
N ASN A 126 4.25 -2.09 -2.23
CA ASN A 126 4.14 -0.67 -2.57
C ASN A 126 4.81 -0.36 -3.90
N ARG A 127 5.89 -1.05 -4.23
CA ARG A 127 6.47 -0.91 -5.56
C ARG A 127 5.44 -1.24 -6.63
N VAL A 128 4.74 -2.36 -6.46
CA VAL A 128 3.86 -2.86 -7.51
C VAL A 128 2.61 -1.98 -7.62
N TYR A 129 1.98 -1.64 -6.49
CA TYR A 129 0.80 -0.78 -6.55
C TYR A 129 1.10 0.53 -7.26
N ALA A 130 2.16 1.21 -6.82
CA ALA A 130 2.43 2.54 -7.37
C ALA A 130 2.83 2.45 -8.83
N ALA A 131 3.63 1.44 -9.18
CA ALA A 131 3.99 1.26 -10.59
C ALA A 131 2.78 0.88 -11.43
N ALA A 132 1.82 0.15 -10.87
CA ALA A 132 0.65 -0.23 -11.67
C ALA A 132 -0.24 0.98 -11.89
N VAL A 133 -0.40 1.81 -10.87
CA VAL A 133 -1.34 2.94 -10.98
C VAL A 133 -0.77 4.04 -11.87
N LEU A 134 0.51 4.35 -11.74
CA LEU A 134 1.10 5.48 -12.47
C LEU A 134 1.73 4.96 -13.77
N ALA A 135 1.07 5.22 -14.89
CA ALA A 135 1.68 4.90 -16.18
C ALA A 135 2.95 5.72 -16.37
N GLU A 136 3.97 5.09 -16.97
CA GLU A 136 5.24 5.76 -17.28
C GLU A 136 5.87 6.38 -16.04
N HIS A 137 5.90 5.59 -14.97
CA HIS A 137 6.35 6.02 -13.66
C HIS A 137 7.88 6.06 -13.59
N GLN A 138 8.38 6.82 -12.63
CA GLN A 138 9.73 6.68 -12.10
C GLN A 138 9.64 6.14 -10.69
N GLN A 139 10.59 5.28 -10.29
CA GLN A 139 10.44 4.68 -8.98
C GLN A 139 11.81 4.37 -8.38
N HIS A 140 11.95 4.64 -7.08
CA HIS A 140 13.18 4.38 -6.34
C HIS A 140 12.85 3.85 -4.96
N THR A 141 13.62 2.87 -4.50
CA THR A 141 13.54 2.40 -3.12
C THR A 141 14.79 2.86 -2.36
N PHE A 142 14.60 3.36 -1.15
CA PHE A 142 15.68 3.82 -0.30
C PHE A 142 15.60 3.02 0.99
N TRP A 143 16.76 2.63 1.51
CA TRP A 143 16.83 1.78 2.69
C TRP A 143 17.58 2.46 3.83
N GLY A 144 17.15 2.18 5.05
CA GLY A 144 17.84 2.68 6.21
C GLY A 144 17.13 3.87 6.83
N PRO A 145 17.72 4.47 7.87
CA PRO A 145 19.04 4.12 8.44
C PRO A 145 19.07 2.73 9.12
N GLY A 146 20.01 1.89 8.72
CA GLY A 146 20.07 0.54 9.24
C GLY A 146 21.43 -0.07 9.05
N LEU A 147 21.71 -1.10 9.85
CA LEU A 147 23.02 -1.75 9.81
C LEU A 147 23.22 -2.53 8.52
N SER A 148 24.36 -2.32 7.87
CA SER A 148 24.75 -3.15 6.72
C SER A 148 25.76 -4.18 7.21
N LEU A 149 25.41 -5.45 7.06
CA LEU A 149 26.26 -6.50 7.59
C LEU A 149 27.45 -6.76 6.67
N GLY A 150 27.24 -6.67 5.36
CA GLY A 150 28.34 -6.78 4.42
C GLY A 150 29.37 -5.68 4.62
N HIS A 151 28.91 -4.45 4.75
CA HIS A 151 29.84 -3.33 4.92
C HIS A 151 30.48 -3.32 6.30
N SER A 152 29.77 -3.80 7.33
CA SER A 152 30.38 -3.90 8.66
C SER A 152 31.54 -4.88 8.65
N GLY A 153 31.33 -6.07 8.08
CA GLY A 153 32.43 -7.04 7.99
C GLY A 153 33.61 -6.53 7.20
N ALA A 154 33.36 -5.71 6.18
CA ALA A 154 34.47 -5.09 5.44
C ALA A 154 35.28 -4.17 6.32
N LEU A 155 34.63 -3.49 7.27
CA LEU A 155 35.36 -2.61 8.18
C LEU A 155 36.27 -3.41 9.10
N ARG A 156 35.81 -4.55 9.61
CA ARG A 156 36.62 -5.30 10.56
C ARG A 156 37.85 -5.90 9.92
N ARG A 157 37.80 -6.17 8.62
CA ARG A 157 38.97 -6.71 7.95
C ARG A 157 40.07 -5.67 7.80
N ILE A 158 39.79 -4.42 8.13
CA ILE A 158 40.83 -3.39 8.01
C ILE A 158 41.82 -3.56 9.16
N PRO A 159 43.12 -3.64 8.87
CA PRO A 159 44.12 -3.78 9.95
C PRO A 159 44.03 -2.62 10.93
N GLY A 160 43.89 -2.96 12.20
CA GLY A 160 43.78 -1.97 13.26
C GLY A 160 42.38 -1.77 13.80
N VAL A 161 41.37 -2.29 13.12
CA VAL A 161 39.98 -2.15 13.56
C VAL A 161 39.67 -3.25 14.57
N GLN A 162 39.24 -2.86 15.76
CA GLN A 162 38.89 -3.80 16.81
C GLN A 162 37.41 -4.16 16.78
N LYS A 163 36.55 -3.15 16.66
CA LYS A 163 35.12 -3.33 16.45
C LYS A 163 34.63 -2.27 15.49
N ALA A 164 33.54 -2.56 14.80
CA ALA A 164 33.05 -1.60 13.81
C ALA A 164 31.65 -1.99 13.36
N VAL A 165 30.87 -0.96 13.01
CA VAL A 165 29.59 -1.14 12.35
C VAL A 165 29.47 -0.07 11.27
N GLN A 166 28.71 -0.38 10.24
CA GLN A 166 28.45 0.55 9.17
C GLN A 166 26.95 0.60 8.97
N TYR A 167 26.42 1.81 8.86
CA TYR A 167 25.02 2.04 8.55
C TYR A 167 24.91 2.67 7.17
N ILE A 168 23.83 2.30 6.47
CA ILE A 168 23.46 2.93 5.22
C ILE A 168 22.20 3.76 5.49
N LEU A 169 22.19 5.00 4.98
CA LEU A 169 21.05 5.90 5.15
C LEU A 169 20.64 6.47 3.80
N PRO A 170 19.36 6.78 3.63
CA PRO A 170 18.93 7.54 2.45
C PRO A 170 19.56 8.93 2.45
N SER A 171 19.98 9.37 1.27
CA SER A 171 20.39 10.75 1.09
C SER A 171 19.16 11.66 1.02
N GLU A 172 19.10 12.65 1.92
CA GLU A 172 17.95 13.54 1.93
C GLU A 172 17.79 14.29 0.62
N ASP A 173 18.90 14.63 -0.03
CA ASP A 173 18.85 15.33 -1.30
C ASP A 173 18.29 14.43 -2.41
N ALA A 174 18.69 13.16 -2.42
CA ALA A 174 18.16 12.23 -3.40
C ALA A 174 16.68 11.93 -3.15
N LEU A 175 16.29 11.78 -1.88
CA LEU A 175 14.85 11.64 -1.57
C LEU A 175 14.05 12.79 -2.15
N GLU A 176 14.54 14.01 -1.99
CA GLU A 176 13.80 15.19 -2.44
C GLU A 176 13.75 15.27 -3.96
N LYS A 177 14.83 14.87 -4.64
CA LYS A 177 14.79 14.78 -6.10
C LYS A 177 13.79 13.73 -6.56
N ALA A 178 13.78 12.57 -5.89
CA ALA A 178 12.82 11.53 -6.22
C ALA A 178 11.39 12.03 -6.08
N ARG A 179 11.12 12.82 -5.03
CA ARG A 179 9.77 13.35 -4.83
C ARG A 179 9.34 14.22 -6.01
N ARG A 180 10.29 14.91 -6.63
CA ARG A 180 9.99 15.84 -7.71
C ARG A 180 10.14 15.20 -9.09
N GLY A 181 10.43 13.91 -9.15
CA GLY A 181 10.58 13.26 -10.43
C GLY A 181 11.87 13.57 -11.13
N GLU A 182 12.94 13.85 -10.39
CA GLU A 182 14.21 14.26 -10.99
C GLU A 182 15.38 13.44 -10.47
N ALA A 183 15.12 12.21 -10.05
CA ALA A 183 16.16 11.31 -9.60
C ALA A 183 16.54 10.29 -10.67
N GLY A 184 16.00 10.42 -11.89
CA GLY A 184 16.16 9.37 -12.89
C GLY A 184 17.60 9.00 -13.18
N ASP A 185 18.52 9.95 -13.00
CA ASP A 185 19.93 9.74 -13.34
C ASP A 185 20.78 9.40 -12.12
N LEU A 186 20.21 9.33 -10.93
CA LEU A 186 21.01 9.09 -9.73
C LEU A 186 21.42 7.63 -9.65
N THR A 187 22.69 7.41 -9.31
CA THR A 187 23.22 6.08 -9.07
C THR A 187 23.01 5.69 -7.60
N GLY A 188 23.34 4.44 -7.29
CA GLY A 188 23.29 4.01 -5.90
C GLY A 188 24.25 4.78 -5.02
N LYS A 189 25.32 5.31 -5.60
CA LYS A 189 26.28 6.11 -4.86
C LYS A 189 25.77 7.51 -4.55
N GLN A 190 24.66 7.93 -5.16
CA GLN A 190 24.06 9.22 -4.85
C GLN A 190 22.73 9.13 -4.11
N THR A 191 22.08 7.96 -4.09
CA THR A 191 20.82 7.82 -3.39
C THR A 191 20.98 7.53 -1.90
N HIS A 192 22.14 7.03 -1.49
CA HIS A 192 22.39 6.68 -0.10
C HIS A 192 23.73 7.25 0.35
N LYS A 193 23.87 7.43 1.65
CA LYS A 193 25.14 7.78 2.29
C LYS A 193 25.43 6.74 3.36
N MET A 194 26.66 6.77 3.88
CA MET A 194 27.09 5.76 4.83
C MET A 194 27.69 6.41 6.07
N GLN A 195 27.51 5.74 7.21
CA GLN A 195 28.09 6.16 8.48
C GLN A 195 28.85 4.99 9.06
N CYS A 196 30.12 5.19 9.38
CA CYS A 196 30.95 4.18 10.01
C CYS A 196 31.21 4.56 11.47
N PHE A 197 31.16 3.55 12.34
CA PHE A 197 31.55 3.69 13.73
C PHE A 197 32.62 2.65 14.02
N VAL A 198 33.83 3.10 14.35
CA VAL A 198 34.99 2.24 14.42
C VAL A 198 35.68 2.41 15.76
N VAL A 199 36.01 1.27 16.39
CA VAL A 199 36.85 1.22 17.59
C VAL A 199 38.26 0.86 17.15
N ALA A 200 39.21 1.74 17.44
CA ALA A 200 40.60 1.53 17.02
C ALA A 200 41.49 2.49 17.79
N ASP A 201 42.75 2.07 17.98
CA ASP A 201 43.73 2.94 18.62
C ASP A 201 43.94 4.18 17.75
N ALA A 202 44.08 5.33 18.41
CA ALA A 202 44.18 6.59 17.69
C ALA A 202 45.36 6.63 16.75
N ALA A 203 46.43 5.89 17.06
CA ALA A 203 47.60 5.86 16.19
C ALA A 203 47.29 5.27 14.81
N ASP A 204 46.24 4.45 14.72
CA ASP A 204 45.85 3.80 13.47
C ASP A 204 44.76 4.56 12.72
N HIS A 205 44.23 5.65 13.29
CA HIS A 205 43.04 6.28 12.73
C HIS A 205 43.29 6.83 11.33
N GLU A 206 44.41 7.52 11.11
CA GLU A 206 44.66 8.10 9.80
C GLU A 206 44.71 7.01 8.73
N ARG A 207 45.34 5.88 9.07
CA ARG A 207 45.43 4.79 8.10
C ARG A 207 44.08 4.12 7.89
N ILE A 208 43.38 3.85 8.99
CA ILE A 208 42.07 3.20 8.90
C ILE A 208 41.09 4.08 8.12
N GLU A 209 41.13 5.39 8.35
CA GLU A 209 40.23 6.27 7.62
C GLU A 209 40.51 6.23 6.13
N ASN A 210 41.79 6.37 5.74
CA ASN A 210 42.12 6.31 4.32
C ASN A 210 41.81 4.94 3.75
N ASP A 211 42.05 3.87 4.51
CA ASP A 211 41.62 2.54 4.06
C ASP A 211 40.13 2.51 3.79
N ILE A 212 39.33 3.09 4.69
CA ILE A 212 37.89 3.14 4.52
C ILE A 212 37.52 3.95 3.29
N ARG A 213 38.00 5.19 3.22
CA ARG A 213 37.50 6.11 2.21
C ARG A 213 37.97 5.74 0.81
N THR A 214 39.00 4.88 0.69
CA THR A 214 39.46 4.39 -0.61
C THR A 214 39.38 2.88 -0.72
N MET A 215 38.53 2.25 0.09
CA MET A 215 38.27 0.81 -0.07
C MET A 215 37.34 0.61 -1.26
N PRO A 216 37.72 -0.18 -2.25
CA PRO A 216 36.92 -0.30 -3.47
C PRO A 216 35.73 -1.21 -3.28
N ASP A 217 34.66 -0.90 -4.02
CA ASP A 217 33.41 -1.66 -4.05
C ASP A 217 32.58 -1.44 -2.79
N TYR A 218 33.23 -1.30 -1.63
CA TYR A 218 32.48 -1.06 -0.41
C TYR A 218 32.25 0.42 -0.13
N PHE A 219 33.27 1.27 -0.32
CA PHE A 219 33.16 2.67 0.10
C PHE A 219 33.63 3.70 -0.92
N VAL A 220 34.41 3.33 -1.94
CA VAL A 220 34.80 4.31 -2.94
C VAL A 220 33.58 4.84 -3.65
N GLY A 221 33.43 6.16 -3.69
CA GLY A 221 32.39 6.82 -4.44
C GLY A 221 31.20 7.27 -3.63
N TYR A 222 31.12 6.89 -2.36
CA TYR A 222 30.00 7.22 -1.50
C TYR A 222 30.34 8.36 -0.55
N GLU A 223 29.33 9.14 -0.18
CA GLU A 223 29.44 10.03 0.95
C GLU A 223 29.54 9.18 2.23
N VAL A 224 30.65 9.30 2.95
CA VAL A 224 30.93 8.46 4.11
C VAL A 224 31.26 9.36 5.30
N GLU A 225 30.55 9.16 6.41
CA GLU A 225 30.93 9.72 7.70
C GLU A 225 31.73 8.66 8.45
N VAL A 226 32.86 9.05 9.03
CA VAL A 226 33.69 8.12 9.78
C VAL A 226 33.78 8.61 11.20
N ASN A 227 33.28 7.80 12.14
CA ASN A 227 33.32 8.12 13.55
C ASN A 227 34.22 7.12 14.25
N PHE A 228 35.24 7.61 14.94
CA PHE A 228 36.06 6.78 15.81
C PHE A 228 35.56 6.96 17.24
N ILE A 229 35.09 5.87 17.85
CA ILE A 229 34.44 5.90 19.16
C ILE A 229 35.06 4.83 20.04
N ASP A 230 34.83 4.96 21.35
CA ASP A 230 35.44 4.05 22.32
C ASP A 230 34.66 2.74 22.41
N GLU A 231 35.38 1.67 22.76
CA GLU A 231 34.77 0.33 22.85
C GLU A 231 33.58 0.35 23.80
N ALA A 232 33.70 1.04 24.92
CA ALA A 232 32.57 1.19 25.83
C ALA A 232 31.37 1.81 25.11
N THR A 233 31.62 2.85 24.32
CA THR A 233 30.55 3.50 23.56
C THR A 233 29.94 2.54 22.54
N PHE A 234 30.79 1.76 21.87
CA PHE A 234 30.32 0.87 20.83
C PHE A 234 29.43 -0.24 21.39
N ASP A 235 29.89 -0.91 22.45
CA ASP A 235 29.13 -2.02 23.00
C ASP A 235 27.81 -1.58 23.60
N SER A 236 27.65 -0.30 23.93
CA SER A 236 26.44 0.17 24.59
C SER A 236 25.43 0.81 23.65
N GLU A 237 25.87 1.40 22.54
CA GLU A 237 24.98 2.22 21.71
C GLU A 237 24.73 1.65 20.32
N HIS A 238 25.38 0.54 19.95
CA HIS A 238 25.20 0.03 18.60
C HIS A 238 24.76 -1.42 18.62
N THR A 239 24.03 -1.81 19.67
CA THR A 239 23.44 -3.14 19.75
C THR A 239 22.01 -3.19 19.23
N GLY A 240 21.40 -2.05 18.92
CA GLY A 240 20.03 -2.07 18.43
C GLY A 240 19.96 -2.44 16.97
N MET A 241 18.73 -2.60 16.48
CA MET A 241 18.48 -2.97 15.09
C MET A 241 17.48 -2.03 14.44
N PRO A 242 17.75 -0.73 14.40
CA PRO A 242 16.85 0.17 13.69
C PRO A 242 16.97 -0.04 12.19
N ASN A 243 15.87 0.21 11.49
CA ASN A 243 15.89 0.14 10.03
C ASN A 243 14.66 0.87 9.49
N GLY A 244 14.40 0.71 8.21
CA GLY A 244 13.29 1.35 7.54
C GLY A 244 13.69 1.76 6.13
N GLY A 245 12.93 2.69 5.56
CA GLY A 245 13.25 3.19 4.24
C GLY A 245 12.06 3.92 3.63
N HIS A 246 12.19 4.21 2.33
CA HIS A 246 11.19 4.91 1.55
C HIS A 246 11.04 4.22 0.20
N VAL A 247 9.80 4.11 -0.28
CA VAL A 247 9.52 3.80 -1.67
C VAL A 247 8.85 5.03 -2.26
N ILE A 248 9.46 5.65 -3.28
CA ILE A 248 8.93 6.87 -3.87
C ILE A 248 8.65 6.62 -5.35
N THR A 249 7.43 6.91 -5.78
CA THR A 249 7.04 6.73 -7.18
C THR A 249 6.40 8.03 -7.68
N THR A 250 6.80 8.47 -8.87
CA THR A 250 6.18 9.62 -9.50
C THR A 250 5.71 9.25 -10.90
N GLY A 251 4.77 10.04 -11.41
CA GLY A 251 4.32 9.85 -12.77
C GLY A 251 3.72 11.15 -13.22
N ASP A 252 3.69 11.34 -14.55
CA ASP A 252 3.13 12.52 -15.18
C ASP A 252 1.85 12.15 -15.93
N THR A 253 0.82 12.97 -15.79
CA THR A 253 -0.44 12.77 -16.50
C THR A 253 -0.72 13.92 -17.46
N GLY A 254 0.32 14.37 -18.17
CA GLY A 254 0.15 15.40 -19.18
C GLY A 254 0.38 16.81 -18.66
N GLY A 255 1.52 17.04 -18.04
CA GLY A 255 1.82 18.31 -17.41
C GLY A 255 1.49 18.39 -15.94
N PHE A 256 1.20 17.25 -15.29
CA PHE A 256 0.83 17.22 -13.89
C PHE A 256 1.54 16.07 -13.23
N ASN A 257 2.26 16.35 -12.15
CA ASN A 257 3.04 15.35 -11.44
C ASN A 257 2.24 14.78 -10.26
N HIS A 258 2.49 13.51 -9.95
CA HIS A 258 1.91 12.86 -8.79
C HIS A 258 3.03 12.12 -8.07
N THR A 259 3.06 12.23 -6.75
CA THR A 259 4.10 11.60 -5.94
C THR A 259 3.46 10.64 -4.95
N VAL A 260 3.89 9.39 -4.97
CA VAL A 260 3.48 8.39 -3.98
C VAL A 260 4.70 8.07 -3.14
N GLU A 261 4.55 8.12 -1.82
CA GLU A 261 5.70 7.84 -0.96
C GLU A 261 5.27 6.96 0.20
N TYR A 262 5.97 5.83 0.37
CA TYR A 262 5.73 4.91 1.47
C TYR A 262 6.97 4.93 2.34
N ILE A 263 6.79 5.17 3.64
CA ILE A 263 7.89 5.35 4.57
C ILE A 263 7.71 4.37 5.73
N LEU A 264 8.80 3.70 6.11
CA LEU A 264 8.85 2.89 7.32
C LEU A 264 9.96 3.40 8.23
N LYS A 265 9.64 3.58 9.51
CA LYS A 265 10.64 3.92 10.53
C LYS A 265 10.52 2.85 11.61
N LEU A 266 11.53 2.00 11.72
CA LEU A 266 11.46 0.80 12.56
C LEU A 266 12.51 0.90 13.65
N ASP A 267 12.07 0.85 14.91
CA ASP A 267 13.02 0.82 16.01
C ASP A 267 13.71 -0.54 16.13
N ARG A 268 13.07 -1.61 15.67
CA ARG A 268 13.63 -2.96 15.74
C ARG A 268 13.21 -3.73 14.50
N ASN A 269 14.15 -3.91 13.58
CA ASN A 269 13.96 -4.59 12.31
C ASN A 269 13.20 -5.91 12.48
N PRO A 270 13.67 -6.89 13.26
CA PRO A 270 12.93 -8.16 13.35
C PRO A 270 11.55 -8.06 13.96
N ASP A 271 11.28 -7.03 14.77
CA ASP A 271 9.93 -6.84 15.30
C ASP A 271 8.94 -6.49 14.20
N PHE A 272 9.33 -5.63 13.27
CA PHE A 272 8.39 -5.31 12.20
C PHE A 272 8.30 -6.43 11.20
N THR A 273 9.45 -7.05 10.91
CA THR A 273 9.43 -8.20 10.01
C THR A 273 8.52 -9.29 10.54
N ALA A 274 8.59 -9.58 11.85
CA ALA A 274 7.71 -10.57 12.45
C ALA A 274 6.25 -10.15 12.36
N SER A 275 5.96 -8.86 12.59
CA SER A 275 4.59 -8.39 12.49
C SER A 275 4.02 -8.68 11.11
N SER A 276 4.78 -8.36 10.07
CA SER A 276 4.37 -8.68 8.70
C SER A 276 4.23 -10.19 8.53
N GLN A 277 5.23 -10.95 8.98
CA GLN A 277 5.18 -12.40 8.80
C GLN A 277 3.92 -12.99 9.44
N ILE A 278 3.56 -12.51 10.63
CA ILE A 278 2.41 -13.07 11.34
C ILE A 278 1.12 -12.80 10.55
N ALA A 279 0.97 -11.57 10.06
CA ALA A 279 -0.21 -11.23 9.25
C ALA A 279 -0.33 -12.12 8.02
N PHE A 280 0.80 -12.39 7.35
CA PHE A 280 0.72 -13.27 6.18
C PHE A 280 0.51 -14.73 6.56
N GLY A 281 0.89 -15.11 7.79
CA GLY A 281 0.51 -16.42 8.29
C GLY A 281 -1.00 -16.55 8.50
N ARG A 282 -1.64 -15.51 9.03
CA ARG A 282 -3.09 -15.50 9.04
C ARG A 282 -3.64 -15.65 7.62
N ALA A 283 -3.07 -14.91 6.67
CA ALA A 283 -3.54 -15.00 5.29
C ALA A 283 -3.39 -16.42 4.75
N ALA A 284 -2.24 -17.04 5.00
CA ALA A 284 -1.97 -18.34 4.40
C ALA A 284 -2.98 -19.37 4.87
N HIS A 285 -3.26 -19.35 6.18
CA HIS A 285 -4.24 -20.27 6.75
C HIS A 285 -5.62 -20.03 6.13
N ARG A 286 -6.05 -18.78 6.08
CA ARG A 286 -7.36 -18.50 5.49
C ARG A 286 -7.40 -18.95 4.04
N MET A 287 -6.31 -18.76 3.29
CA MET A 287 -6.30 -19.19 1.90
C MET A 287 -6.47 -20.69 1.78
N LYS A 288 -5.76 -21.45 2.62
CA LYS A 288 -5.94 -22.89 2.61
C LYS A 288 -7.37 -23.25 2.98
N GLN A 289 -7.94 -22.56 3.98
CA GLN A 289 -9.31 -22.82 4.38
C GLN A 289 -10.28 -22.62 3.23
N GLN A 290 -9.95 -21.70 2.32
CA GLN A 290 -10.76 -21.43 1.13
C GLN A 290 -10.54 -22.46 0.02
N GLY A 291 -9.63 -23.40 0.20
CA GLY A 291 -9.37 -24.41 -0.79
C GLY A 291 -8.18 -24.16 -1.71
N GLN A 292 -7.37 -23.14 -1.43
CA GLN A 292 -6.18 -22.88 -2.23
C GLN A 292 -4.99 -23.69 -1.72
N SER A 293 -4.00 -23.83 -2.59
CA SER A 293 -2.76 -24.50 -2.22
C SER A 293 -1.67 -24.03 -3.19
N GLY A 294 -0.43 -24.29 -2.82
CA GLY A 294 0.72 -23.81 -3.55
C GLY A 294 1.39 -22.68 -2.82
N ALA A 295 2.32 -22.03 -3.52
CA ALA A 295 3.13 -20.96 -2.95
C ALA A 295 2.82 -19.62 -3.60
N PHE A 296 2.84 -18.56 -2.79
CA PHE A 296 2.42 -17.23 -3.20
C PHE A 296 3.38 -16.19 -2.65
N THR A 297 3.66 -15.16 -3.44
CA THR A 297 4.31 -13.95 -2.94
C THR A 297 3.26 -13.02 -2.34
N VAL A 298 3.72 -11.94 -1.70
CA VAL A 298 2.81 -10.97 -1.11
C VAL A 298 2.00 -10.24 -2.18
N LEU A 299 2.45 -10.31 -3.45
CA LEU A 299 1.70 -9.70 -4.54
C LEU A 299 0.41 -10.43 -4.86
N GLU A 300 0.25 -11.66 -4.35
CA GLU A 300 -0.84 -12.55 -4.74
C GLU A 300 -1.88 -12.71 -3.66
N VAL A 301 -1.84 -11.89 -2.62
CA VAL A 301 -2.75 -11.99 -1.48
C VAL A 301 -3.57 -10.70 -1.39
N ALA A 302 -4.89 -10.83 -1.47
CA ALA A 302 -5.74 -9.66 -1.26
C ALA A 302 -5.53 -9.08 0.13
N PRO A 303 -5.49 -7.74 0.28
CA PRO A 303 -5.15 -7.13 1.59
C PRO A 303 -5.96 -7.62 2.78
N TYR A 304 -7.27 -7.87 2.59
CA TYR A 304 -8.12 -8.16 3.74
C TYR A 304 -7.74 -9.46 4.43
N LEU A 305 -7.06 -10.38 3.72
CA LEU A 305 -6.72 -11.68 4.30
C LEU A 305 -5.72 -11.58 5.44
N LEU A 306 -4.98 -10.47 5.55
CA LEU A 306 -4.03 -10.27 6.64
C LEU A 306 -4.72 -9.86 7.95
N SER A 307 -5.93 -9.37 7.88
CA SER A 307 -6.53 -8.72 9.03
C SER A 307 -7.24 -9.73 9.95
N PRO A 308 -7.08 -9.57 11.27
CA PRO A 308 -7.90 -10.37 12.20
C PRO A 308 -9.37 -9.96 12.23
N GLU A 309 -9.73 -8.84 11.59
CA GLU A 309 -11.12 -8.41 11.55
C GLU A 309 -11.87 -9.10 10.42
N ASN A 310 -13.20 -9.20 10.57
CA ASN A 310 -14.04 -9.70 9.51
C ASN A 310 -14.05 -8.72 8.34
N LEU A 311 -14.14 -9.27 7.13
CA LEU A 311 -14.15 -8.44 5.93
C LEU A 311 -15.28 -7.41 5.96
N ASP A 312 -16.47 -7.82 6.38
CA ASP A 312 -17.55 -6.85 6.41
C ASP A 312 -17.24 -5.70 7.36
N ASP A 313 -16.54 -5.98 8.45
CA ASP A 313 -16.12 -4.92 9.37
C ASP A 313 -15.07 -4.00 8.73
N LEU A 314 -14.11 -4.57 7.99
CA LEU A 314 -13.13 -3.75 7.28
C LEU A 314 -13.81 -2.82 6.28
N ILE A 315 -14.78 -3.36 5.54
CA ILE A 315 -15.45 -2.56 4.51
C ILE A 315 -16.20 -1.41 5.16
N ALA A 316 -16.88 -1.67 6.28
CA ALA A 316 -17.72 -0.63 6.85
C ALA A 316 -16.90 0.46 7.55
N ARG A 317 -15.73 0.11 8.06
CA ARG A 317 -14.93 1.04 8.86
C ARG A 317 -13.76 1.66 8.09
N ASP A 318 -13.07 0.90 7.24
CA ASP A 318 -11.77 1.32 6.76
C ASP A 318 -11.72 1.72 5.30
N VAL A 319 -12.69 1.32 4.49
CA VAL A 319 -12.67 1.66 3.07
C VAL A 319 -13.04 3.12 2.87
N THR B 1 -5.47 -10.06 -26.26
CA THR B 1 -6.17 -8.96 -26.93
C THR B 1 -6.54 -7.84 -25.93
N ASN B 2 -6.69 -6.62 -26.44
CA ASN B 2 -6.88 -5.46 -25.58
C ASN B 2 -8.24 -5.49 -24.87
N ILE B 3 -8.30 -4.85 -23.71
CA ILE B 3 -9.55 -4.66 -23.00
C ILE B 3 -10.30 -3.50 -23.64
N ARG B 4 -11.54 -3.73 -24.03
CA ARG B 4 -12.36 -2.69 -24.65
C ARG B 4 -13.10 -1.94 -23.54
N VAL B 5 -12.83 -0.64 -23.41
CA VAL B 5 -13.33 0.14 -22.28
C VAL B 5 -14.15 1.30 -22.82
N ALA B 6 -15.05 1.78 -21.96
CA ALA B 6 -15.87 2.94 -22.28
C ALA B 6 -16.10 3.70 -20.98
N ILE B 7 -16.45 4.98 -21.13
CA ILE B 7 -16.58 5.92 -20.02
C ILE B 7 -18.03 6.36 -19.93
N VAL B 8 -18.61 6.30 -18.72
CA VAL B 8 -19.98 6.77 -18.46
C VAL B 8 -19.90 8.05 -17.65
N GLY B 9 -20.31 9.17 -18.24
CA GLY B 9 -20.17 10.45 -17.58
C GLY B 9 -18.90 11.16 -18.01
N TYR B 10 -19.05 12.45 -18.38
CA TYR B 10 -17.94 13.20 -18.94
C TYR B 10 -17.68 14.50 -18.16
N GLY B 11 -17.44 14.38 -16.86
CA GLY B 11 -16.91 15.46 -16.06
C GLY B 11 -15.41 15.38 -15.91
N ASN B 12 -14.90 15.91 -14.80
CA ASN B 12 -13.46 15.96 -14.57
C ASN B 12 -12.85 14.56 -14.58
N LEU B 13 -13.45 13.63 -13.82
CA LEU B 13 -12.95 12.26 -13.76
C LEU B 13 -13.03 11.57 -15.12
N GLY B 14 -14.17 11.72 -15.82
CA GLY B 14 -14.31 11.09 -17.12
C GLY B 14 -13.28 11.59 -18.12
N ARG B 15 -13.02 12.90 -18.12
CA ARG B 15 -12.00 13.46 -18.99
C ARG B 15 -10.61 12.93 -18.63
N SER B 16 -10.31 12.80 -17.33
CA SER B 16 -9.02 12.21 -16.94
C SER B 16 -8.88 10.78 -17.42
N VAL B 17 -9.94 9.96 -17.25
CA VAL B 17 -9.88 8.57 -17.74
C VAL B 17 -9.64 8.56 -19.24
N GLU B 18 -10.37 9.39 -19.98
CA GLU B 18 -10.19 9.43 -21.43
C GLU B 18 -8.75 9.70 -21.81
N LYS B 19 -8.13 10.73 -21.24
CA LYS B 19 -6.79 11.07 -21.72
C LYS B 19 -5.76 10.03 -21.30
N LEU B 20 -6.06 9.24 -20.27
CA LEU B 20 -5.09 8.25 -19.80
C LEU B 20 -5.23 6.89 -20.45
N ILE B 21 -6.33 6.60 -21.16
CA ILE B 21 -6.43 5.30 -21.83
C ILE B 21 -5.37 5.17 -22.92
N ALA B 22 -5.00 6.30 -23.53
CA ALA B 22 -3.94 6.27 -24.55
C ALA B 22 -2.62 5.77 -23.95
N LYS B 23 -2.39 5.99 -22.65
CA LYS B 23 -1.16 5.50 -22.03
C LYS B 23 -1.16 3.99 -21.81
N GLN B 24 -2.33 3.32 -21.89
CA GLN B 24 -2.38 1.92 -21.51
C GLN B 24 -1.99 1.02 -22.67
N PRO B 25 -1.08 0.05 -22.46
CA PRO B 25 -0.72 -0.86 -23.56
C PRO B 25 -1.81 -1.86 -23.88
N ASP B 26 -2.82 -2.01 -23.04
CA ASP B 26 -3.74 -3.13 -23.18
C ASP B 26 -5.20 -2.69 -23.14
N MET B 27 -5.49 -1.41 -23.38
CA MET B 27 -6.86 -0.92 -23.39
C MET B 27 -7.14 -0.07 -24.63
N ASP B 28 -8.35 -0.23 -25.17
CA ASP B 28 -8.84 0.63 -26.25
C ASP B 28 -10.11 1.33 -25.81
N LEU B 29 -10.17 2.65 -26.00
CA LEU B 29 -11.36 3.42 -25.64
C LEU B 29 -12.42 3.30 -26.75
N VAL B 30 -13.56 2.71 -26.41
CA VAL B 30 -14.64 2.49 -27.37
C VAL B 30 -15.54 3.72 -27.51
N GLY B 31 -15.73 4.47 -26.44
CA GLY B 31 -16.52 5.68 -26.55
C GLY B 31 -16.92 6.20 -25.17
N ILE B 32 -17.67 7.30 -25.22
CA ILE B 32 -18.20 7.96 -24.03
C ILE B 32 -19.71 7.85 -24.07
N PHE B 33 -20.30 7.44 -22.94
CA PHE B 33 -21.74 7.41 -22.76
C PHE B 33 -22.16 8.60 -21.89
N SER B 34 -23.02 9.46 -22.42
CA SER B 34 -23.30 10.72 -21.75
C SER B 34 -24.78 11.05 -21.81
N ARG B 35 -25.22 11.81 -20.81
CA ARG B 35 -26.55 12.40 -20.82
C ARG B 35 -26.62 13.63 -21.69
N ARG B 36 -25.49 14.10 -22.20
CA ARG B 36 -25.43 15.30 -23.01
C ARG B 36 -25.07 14.93 -24.45
N ALA B 37 -25.65 15.67 -25.40
CA ALA B 37 -25.39 15.40 -26.81
C ALA B 37 -24.03 15.88 -27.26
N THR B 38 -23.50 16.94 -26.66
CA THR B 38 -22.43 17.72 -27.27
C THR B 38 -21.25 17.80 -26.31
N LEU B 39 -20.20 17.04 -26.60
CA LEU B 39 -18.98 17.02 -25.81
C LEU B 39 -17.81 17.42 -26.69
N ASP B 40 -16.85 18.13 -26.10
CA ASP B 40 -15.68 18.65 -26.82
C ASP B 40 -14.61 17.57 -26.94
N THR B 41 -14.88 16.58 -27.79
CA THR B 41 -13.91 15.49 -27.94
C THR B 41 -14.14 14.77 -29.26
N LYS B 42 -13.07 14.16 -29.78
CA LYS B 42 -13.17 13.31 -30.96
C LYS B 42 -13.54 11.88 -30.63
N THR B 43 -13.50 11.51 -29.35
CA THR B 43 -13.95 10.18 -28.97
C THR B 43 -15.42 10.01 -29.36
N PRO B 44 -15.81 8.85 -29.88
CA PRO B 44 -17.23 8.61 -30.14
C PRO B 44 -18.05 8.85 -28.88
N VAL B 45 -19.14 9.59 -29.03
CA VAL B 45 -20.05 9.93 -27.94
C VAL B 45 -21.39 9.28 -28.23
N PHE B 46 -21.92 8.57 -27.25
CA PHE B 46 -23.16 7.83 -27.36
C PHE B 46 -24.09 8.24 -26.24
N ASP B 47 -25.37 7.94 -26.44
CA ASP B 47 -26.37 8.17 -25.41
C ASP B 47 -26.24 7.11 -24.33
N VAL B 48 -26.17 7.55 -23.08
CA VAL B 48 -26.12 6.61 -21.96
C VAL B 48 -27.30 5.65 -21.99
N ALA B 49 -28.43 6.05 -22.59
CA ALA B 49 -29.57 5.16 -22.68
C ALA B 49 -29.32 3.97 -23.61
N ASP B 50 -28.31 4.07 -24.47
CA ASP B 50 -28.01 3.03 -25.46
C ASP B 50 -26.84 2.13 -25.05
N VAL B 51 -26.40 2.16 -23.80
CA VAL B 51 -25.26 1.31 -23.44
C VAL B 51 -25.57 -0.16 -23.70
N ASP B 52 -26.85 -0.55 -23.56
CA ASP B 52 -27.22 -1.95 -23.78
C ASP B 52 -26.90 -2.42 -25.19
N LYS B 53 -26.98 -1.52 -26.17
CA LYS B 53 -26.64 -1.87 -27.54
C LYS B 53 -25.14 -1.99 -27.78
N HIS B 54 -24.30 -1.67 -26.79
CA HIS B 54 -22.85 -1.80 -26.92
C HIS B 54 -22.29 -2.89 -25.99
N ALA B 55 -23.16 -3.67 -25.34
CA ALA B 55 -22.72 -4.57 -24.28
C ALA B 55 -21.69 -5.57 -24.78
N ASP B 56 -21.87 -6.12 -25.98
CA ASP B 56 -20.88 -7.07 -26.47
C ASP B 56 -19.61 -6.40 -26.95
N ASP B 57 -19.61 -5.08 -27.14
CA ASP B 57 -18.42 -4.37 -27.60
C ASP B 57 -17.59 -3.79 -26.47
N VAL B 58 -18.03 -3.90 -25.21
CA VAL B 58 -17.39 -3.23 -24.09
C VAL B 58 -17.14 -4.25 -22.99
N ASP B 59 -15.88 -4.39 -22.56
CA ASP B 59 -15.49 -5.28 -21.47
C ASP B 59 -15.58 -4.60 -20.11
N VAL B 60 -15.24 -3.32 -20.05
CA VAL B 60 -15.20 -2.57 -18.79
C VAL B 60 -15.83 -1.21 -19.00
N LEU B 61 -16.74 -0.85 -18.13
CA LEU B 61 -17.34 0.49 -18.10
C LEU B 61 -16.75 1.25 -16.92
N PHE B 62 -16.10 2.37 -17.21
CA PHE B 62 -15.61 3.28 -16.19
C PHE B 62 -16.74 4.24 -15.82
N LEU B 63 -17.24 4.11 -14.59
CA LEU B 63 -18.38 4.88 -14.13
C LEU B 63 -17.86 6.19 -13.52
N CYS B 64 -18.19 7.31 -14.17
CA CYS B 64 -17.63 8.61 -13.81
C CYS B 64 -18.74 9.66 -13.58
N MET B 65 -19.94 9.22 -13.23
CA MET B 65 -21.01 10.09 -12.77
C MET B 65 -20.71 10.53 -11.34
N GLY B 66 -21.49 11.50 -10.86
CA GLY B 66 -21.27 12.02 -9.51
C GLY B 66 -21.62 11.00 -8.43
N SER B 67 -20.81 10.99 -7.37
CA SER B 67 -21.04 10.04 -6.27
C SER B 67 -22.24 10.42 -5.44
N ALA B 68 -22.43 11.73 -5.18
CA ALA B 68 -23.43 12.18 -4.22
C ALA B 68 -24.82 11.66 -4.59
N THR B 69 -25.23 11.81 -5.85
CA THR B 69 -26.50 11.20 -6.22
C THR B 69 -26.42 10.17 -7.34
N ASP B 70 -25.63 10.40 -8.39
CA ASP B 70 -25.74 9.57 -9.59
C ASP B 70 -25.37 8.10 -9.32
N ILE B 71 -24.25 7.86 -8.63
CA ILE B 71 -23.74 6.48 -8.50
C ILE B 71 -24.74 5.55 -7.86
N PRO B 72 -25.34 5.84 -6.69
CA PRO B 72 -26.24 4.87 -6.04
C PRO B 72 -27.37 4.36 -6.92
N GLU B 73 -28.12 5.24 -7.59
CA GLU B 73 -29.22 4.79 -8.44
C GLU B 73 -28.74 4.24 -9.78
N GLN B 74 -27.74 4.87 -10.40
CA GLN B 74 -27.41 4.48 -11.77
C GLN B 74 -26.44 3.30 -11.84
N ALA B 75 -25.42 3.25 -10.98
CA ALA B 75 -24.35 2.25 -11.15
C ALA B 75 -24.83 0.82 -11.30
N PRO B 76 -25.78 0.30 -10.51
CA PRO B 76 -26.14 -1.13 -10.64
C PRO B 76 -26.69 -1.51 -12.00
N LYS B 77 -27.38 -0.60 -12.69
CA LYS B 77 -27.86 -0.90 -14.04
C LYS B 77 -26.70 -1.21 -15.00
N PHE B 78 -25.57 -0.52 -14.85
CA PHE B 78 -24.50 -0.71 -15.84
C PHE B 78 -23.77 -2.03 -15.67
N ALA B 79 -23.89 -2.67 -14.51
CA ALA B 79 -23.22 -3.94 -14.31
C ALA B 79 -23.82 -5.05 -15.16
N GLN B 80 -25.02 -4.85 -15.72
CA GLN B 80 -25.64 -5.83 -16.60
C GLN B 80 -24.85 -6.01 -17.89
N PHE B 81 -24.09 -5.00 -18.29
CA PHE B 81 -23.51 -4.97 -19.62
C PHE B 81 -22.01 -5.15 -19.67
N ALA B 82 -21.30 -4.94 -18.57
CA ALA B 82 -19.85 -5.06 -18.57
C ALA B 82 -19.37 -5.13 -17.13
N CYS B 83 -18.09 -5.46 -16.95
CA CYS B 83 -17.43 -5.11 -15.71
C CYS B 83 -17.53 -3.60 -15.52
N THR B 84 -17.72 -3.17 -14.27
CA THR B 84 -17.76 -1.76 -13.94
C THR B 84 -16.67 -1.42 -12.94
N VAL B 85 -16.25 -0.16 -12.92
CA VAL B 85 -15.32 0.37 -11.92
C VAL B 85 -15.82 1.77 -11.55
N ASP B 86 -16.06 2.01 -10.26
CA ASP B 86 -16.47 3.34 -9.82
C ASP B 86 -15.52 3.84 -8.71
N THR B 87 -15.66 5.11 -8.37
CA THR B 87 -14.86 5.73 -7.33
C THR B 87 -15.76 6.26 -6.21
N TYR B 88 -16.88 5.59 -5.99
CA TYR B 88 -17.91 6.04 -5.07
C TYR B 88 -17.36 6.38 -3.71
N ASP B 89 -17.58 7.62 -3.26
CA ASP B 89 -16.79 8.12 -2.14
C ASP B 89 -17.62 8.39 -0.88
N ASN B 90 -18.84 7.88 -0.81
CA ASN B 90 -19.66 8.11 0.38
C ASN B 90 -19.42 6.91 1.30
N HIS B 91 -18.43 7.07 2.19
CA HIS B 91 -17.94 5.97 3.00
C HIS B 91 -19.05 5.30 3.79
N ARG B 92 -19.98 6.10 4.32
CA ARG B 92 -21.06 5.54 5.12
C ARG B 92 -22.06 4.75 4.31
N ASP B 93 -21.98 4.78 2.98
CA ASP B 93 -22.89 4.06 2.10
C ASP B 93 -22.17 2.96 1.29
N ILE B 94 -20.89 2.73 1.54
CA ILE B 94 -20.13 1.77 0.74
C ILE B 94 -20.59 0.33 0.95
N PRO B 95 -20.82 -0.16 2.20
CA PRO B 95 -21.38 -1.51 2.32
C PRO B 95 -22.67 -1.71 1.53
N ARG B 96 -23.59 -0.74 1.54
CA ARG B 96 -24.83 -0.94 0.81
C ARG B 96 -24.57 -0.96 -0.70
N HIS B 97 -23.71 -0.06 -1.17
CA HIS B 97 -23.43 0.02 -2.60
C HIS B 97 -22.79 -1.28 -3.08
N ARG B 98 -21.79 -1.77 -2.34
CA ARG B 98 -21.19 -3.05 -2.68
C ARG B 98 -22.23 -4.17 -2.74
N GLN B 99 -23.18 -4.19 -1.81
CA GLN B 99 -24.17 -5.25 -1.81
C GLN B 99 -25.07 -5.20 -3.05
N VAL B 100 -25.59 -4.03 -3.39
CA VAL B 100 -26.45 -3.95 -4.57
C VAL B 100 -25.65 -4.17 -5.85
N MET B 101 -24.43 -3.62 -5.94
CA MET B 101 -23.58 -3.94 -7.09
C MET B 101 -23.30 -5.44 -7.17
N ASN B 102 -23.13 -6.10 -6.02
CA ASN B 102 -22.81 -7.53 -6.04
C ASN B 102 -23.96 -8.35 -6.63
N GLU B 103 -25.19 -8.02 -6.24
CA GLU B 103 -26.33 -8.71 -6.82
C GLU B 103 -26.36 -8.52 -8.33
N ALA B 104 -26.20 -7.27 -8.79
CA ALA B 104 -26.32 -6.98 -10.22
C ALA B 104 -25.17 -7.62 -11.00
N ALA B 105 -23.93 -7.48 -10.51
CA ALA B 105 -22.79 -8.07 -11.21
C ALA B 105 -22.87 -9.59 -11.20
N THR B 106 -23.30 -10.19 -10.08
CA THR B 106 -23.38 -11.65 -10.02
C THR B 106 -24.41 -12.18 -11.01
N ALA B 107 -25.57 -11.53 -11.10
CA ALA B 107 -26.58 -11.95 -12.07
C ALA B 107 -26.04 -11.90 -13.49
N ALA B 108 -25.20 -10.92 -13.81
CA ALA B 108 -24.70 -10.76 -15.17
C ALA B 108 -23.43 -11.54 -15.44
N GLY B 109 -22.80 -12.11 -14.42
CA GLY B 109 -21.51 -12.74 -14.59
C GLY B 109 -20.36 -11.78 -14.79
N ASN B 110 -20.50 -10.53 -14.34
CA ASN B 110 -19.44 -9.54 -14.47
C ASN B 110 -18.81 -9.30 -13.12
N VAL B 111 -17.78 -8.45 -13.12
CA VAL B 111 -17.10 -8.04 -11.90
C VAL B 111 -17.23 -6.53 -11.77
N ALA B 112 -17.75 -6.09 -10.62
CA ALA B 112 -17.84 -4.67 -10.27
C ALA B 112 -16.78 -4.35 -9.24
N LEU B 113 -15.88 -3.43 -9.55
CA LEU B 113 -14.94 -2.87 -8.58
C LEU B 113 -15.50 -1.54 -8.07
N VAL B 114 -15.86 -1.49 -6.78
CA VAL B 114 -16.49 -0.31 -6.22
C VAL B 114 -15.48 0.44 -5.36
N SER B 115 -15.68 1.76 -5.30
CA SER B 115 -14.96 2.63 -4.36
C SER B 115 -13.44 2.56 -4.54
N THR B 116 -13.01 2.66 -5.80
CA THR B 116 -11.61 2.86 -6.10
C THR B 116 -11.30 4.36 -6.05
N GLY B 117 -10.05 4.71 -6.37
CA GLY B 117 -9.57 6.07 -6.23
C GLY B 117 -8.41 6.15 -5.25
N TRP B 118 -8.29 7.30 -4.60
CA TRP B 118 -7.27 7.38 -3.56
C TRP B 118 -7.84 7.42 -2.14
N ASP B 119 -9.00 8.03 -1.92
CA ASP B 119 -9.76 7.72 -0.67
C ASP B 119 -11.26 7.89 -0.90
N PRO B 120 -12.02 6.78 -0.98
CA PRO B 120 -11.54 5.39 -0.85
C PRO B 120 -10.61 4.98 -1.99
N GLY B 121 -9.90 3.87 -1.76
CA GLY B 121 -9.04 3.30 -2.76
C GLY B 121 -7.66 3.04 -2.15
N MET B 122 -6.65 3.76 -2.64
CA MET B 122 -5.28 3.55 -2.12
C MET B 122 -5.18 3.79 -0.61
N PHE B 123 -5.88 4.80 -0.07
CA PHE B 123 -5.79 5.03 1.38
C PHE B 123 -6.45 3.90 2.15
N SER B 124 -7.56 3.35 1.62
CA SER B 124 -8.23 2.21 2.24
C SER B 124 -7.28 1.03 2.37
N ILE B 125 -6.60 0.71 1.27
CA ILE B 125 -5.61 -0.35 1.23
C ILE B 125 -4.52 -0.11 2.26
N ASN B 126 -4.00 1.12 2.32
CA ASN B 126 -2.93 1.39 3.27
C ASN B 126 -3.41 1.37 4.71
N ARG B 127 -4.63 1.82 4.98
CA ARG B 127 -5.16 1.68 6.33
C ARG B 127 -5.19 0.23 6.76
N VAL B 128 -5.69 -0.64 5.89
CA VAL B 128 -5.89 -2.03 6.25
C VAL B 128 -4.55 -2.74 6.44
N TYR B 129 -3.61 -2.56 5.50
CA TYR B 129 -2.31 -3.22 5.63
C TYR B 129 -1.61 -2.83 6.93
N ALA B 130 -1.49 -1.54 7.18
CA ALA B 130 -0.74 -1.10 8.36
C ALA B 130 -1.44 -1.54 9.64
N ALA B 131 -2.77 -1.51 9.64
CA ALA B 131 -3.50 -1.92 10.84
C ALA B 131 -3.42 -3.44 11.03
N ALA B 132 -3.39 -4.21 9.95
CA ALA B 132 -3.26 -5.65 10.07
C ALA B 132 -1.89 -6.04 10.60
N VAL B 133 -0.85 -5.35 10.13
CA VAL B 133 0.52 -5.70 10.48
C VAL B 133 0.86 -5.25 11.89
N LEU B 134 0.56 -4.00 12.23
CA LEU B 134 0.85 -3.48 13.56
C LEU B 134 -0.32 -3.79 14.49
N ALA B 135 -0.16 -4.87 15.26
CA ALA B 135 -1.22 -5.41 16.11
C ALA B 135 -1.80 -4.34 17.02
N GLU B 136 -0.96 -3.68 17.80
CA GLU B 136 -1.39 -2.55 18.60
C GLU B 136 -0.99 -1.31 17.83
N HIS B 137 -1.97 -0.57 17.32
CA HIS B 137 -1.64 0.52 16.44
C HIS B 137 -2.51 1.72 16.79
N GLN B 138 -1.98 2.91 16.48
CA GLN B 138 -2.76 4.13 16.33
C GLN B 138 -2.75 4.49 14.87
N GLN B 139 -3.90 4.90 14.32
CA GLN B 139 -3.94 5.19 12.89
C GLN B 139 -4.83 6.39 12.65
N HIS B 140 -4.35 7.29 11.79
CA HIS B 140 -5.11 8.47 11.41
C HIS B 140 -4.87 8.78 9.94
N THR B 141 -5.90 9.32 9.29
CA THR B 141 -5.83 9.73 7.89
C THR B 141 -5.95 11.25 7.83
N PHE B 142 -5.19 11.87 6.93
CA PHE B 142 -5.26 13.31 6.72
C PHE B 142 -5.44 13.58 5.24
N TRP B 143 -6.29 14.55 4.91
CA TRP B 143 -6.60 14.88 3.52
C TRP B 143 -6.24 16.33 3.25
N GLY B 144 -5.68 16.58 2.08
CA GLY B 144 -5.41 17.93 1.66
C GLY B 144 -4.08 18.47 2.14
N PRO B 145 -3.88 19.79 2.02
CA PRO B 145 -4.85 20.74 1.48
C PRO B 145 -5.14 20.57 -0.02
N GLY B 146 -6.39 20.63 -0.40
CA GLY B 146 -6.71 20.41 -1.80
C GLY B 146 -8.19 20.37 -2.08
N LEU B 147 -8.49 20.29 -3.37
CA LEU B 147 -9.85 20.34 -3.88
C LEU B 147 -10.45 18.93 -3.87
N SER B 148 -11.66 18.80 -3.30
CA SER B 148 -12.35 17.51 -3.21
C SER B 148 -13.36 17.38 -4.35
N LEU B 149 -13.21 16.35 -5.17
CA LEU B 149 -14.08 16.22 -6.33
C LEU B 149 -15.51 15.89 -5.92
N GLY B 150 -15.68 14.95 -4.98
CA GLY B 150 -17.02 14.54 -4.58
C GLY B 150 -17.80 15.67 -3.93
N HIS B 151 -17.18 16.36 -2.97
CA HIS B 151 -17.84 17.48 -2.31
C HIS B 151 -18.15 18.59 -3.31
N SER B 152 -17.23 18.83 -4.25
CA SER B 152 -17.43 19.88 -5.23
C SER B 152 -18.60 19.56 -6.16
N GLY B 153 -18.72 18.31 -6.60
CA GLY B 153 -19.85 17.92 -7.41
C GLY B 153 -21.16 18.05 -6.65
N ALA B 154 -21.11 17.77 -5.35
CA ALA B 154 -22.30 17.88 -4.52
C ALA B 154 -22.78 19.32 -4.43
N LEU B 155 -21.84 20.25 -4.25
CA LEU B 155 -22.21 21.67 -4.23
C LEU B 155 -22.86 22.08 -5.54
N ARG B 156 -22.31 21.64 -6.67
CA ARG B 156 -22.82 22.11 -7.95
C ARG B 156 -24.22 21.58 -8.26
N ARG B 157 -24.67 20.51 -7.59
CA ARG B 157 -26.04 20.04 -7.81
C ARG B 157 -27.05 20.78 -6.94
N ILE B 158 -26.61 21.64 -6.02
CA ILE B 158 -27.57 22.40 -5.20
C ILE B 158 -28.26 23.45 -6.06
N PRO B 159 -29.59 23.55 -6.04
CA PRO B 159 -30.27 24.55 -6.86
C PRO B 159 -29.76 25.95 -6.56
N GLY B 160 -29.49 26.71 -7.62
CA GLY B 160 -29.03 28.07 -7.50
C GLY B 160 -27.53 28.25 -7.46
N VAL B 161 -26.77 27.16 -7.32
CA VAL B 161 -25.32 27.24 -7.39
C VAL B 161 -24.92 27.28 -8.87
N GLN B 162 -24.26 28.36 -9.27
CA GLN B 162 -23.77 28.47 -10.64
C GLN B 162 -22.42 27.79 -10.82
N LYS B 163 -21.51 27.98 -9.85
CA LYS B 163 -20.18 27.39 -9.84
C LYS B 163 -19.78 27.17 -8.40
N ALA B 164 -19.02 26.10 -8.13
CA ALA B 164 -18.65 25.84 -6.75
C ALA B 164 -17.52 24.83 -6.69
N VAL B 165 -16.63 25.00 -5.70
CA VAL B 165 -15.65 23.99 -5.35
C VAL B 165 -15.56 23.89 -3.84
N GLN B 166 -15.08 22.74 -3.36
CA GLN B 166 -14.78 22.53 -1.95
C GLN B 166 -13.29 22.21 -1.81
N TYR B 167 -12.68 22.76 -0.76
CA TYR B 167 -11.35 22.36 -0.33
C TYR B 167 -11.42 21.74 1.06
N ILE B 168 -10.49 20.84 1.34
CA ILE B 168 -10.32 20.29 2.68
C ILE B 168 -8.91 20.61 3.13
N LEU B 169 -8.77 21.01 4.40
CA LEU B 169 -7.49 21.49 4.92
C LEU B 169 -7.22 20.73 6.21
N PRO B 170 -6.09 20.05 6.31
CA PRO B 170 -5.78 19.29 7.53
C PRO B 170 -5.09 20.14 8.58
N SER B 171 -5.31 19.75 9.84
CA SER B 171 -4.59 20.33 10.96
C SER B 171 -3.16 19.77 10.97
N GLU B 172 -2.18 20.61 10.63
CA GLU B 172 -0.79 20.15 10.67
C GLU B 172 -0.35 19.81 12.08
N ASP B 173 -0.95 20.44 13.10
CA ASP B 173 -0.63 20.04 14.47
C ASP B 173 -1.03 18.60 14.73
N ALA B 174 -2.25 18.24 14.33
CA ALA B 174 -2.72 16.88 14.53
C ALA B 174 -1.88 15.87 13.74
N LEU B 175 -1.47 16.24 12.53
CA LEU B 175 -0.59 15.37 11.76
C LEU B 175 0.72 15.12 12.50
N GLU B 176 1.27 16.16 13.12
CA GLU B 176 2.51 15.99 13.87
C GLU B 176 2.28 15.14 15.13
N LYS B 177 1.13 15.32 15.80
CA LYS B 177 0.80 14.46 16.93
C LYS B 177 0.71 13.00 16.51
N ALA B 178 0.06 12.74 15.38
CA ALA B 178 -0.04 11.37 14.86
C ALA B 178 1.34 10.75 14.67
N ARG B 179 2.29 11.51 14.13
CA ARG B 179 3.64 10.99 13.94
C ARG B 179 4.31 10.63 15.26
N ARG B 180 4.00 11.38 16.31
CA ARG B 180 4.53 11.13 17.63
C ARG B 180 3.69 10.13 18.41
N GLY B 181 2.63 9.59 17.82
CA GLY B 181 1.76 8.67 18.53
C GLY B 181 0.93 9.30 19.61
N GLU B 182 0.65 10.61 19.49
CA GLU B 182 -0.05 11.37 20.51
C GLU B 182 -1.37 11.96 20.01
N ALA B 183 -1.83 11.57 18.83
CA ALA B 183 -3.12 12.06 18.33
C ALA B 183 -4.28 11.25 18.88
N GLY B 184 -4.01 10.12 19.52
CA GLY B 184 -4.97 9.05 19.72
C GLY B 184 -6.28 9.40 20.39
N ASP B 185 -7.35 9.46 19.58
CA ASP B 185 -8.75 9.76 19.92
C ASP B 185 -9.33 10.64 18.81
N LEU B 186 -8.50 11.54 18.29
CA LEU B 186 -8.92 12.47 17.26
C LEU B 186 -9.44 11.75 16.03
N THR B 187 -10.55 12.26 15.48
CA THR B 187 -11.13 11.72 14.25
C THR B 187 -10.84 12.63 13.07
N GLY B 188 -11.15 12.13 11.88
CA GLY B 188 -11.07 12.97 10.68
C GLY B 188 -11.84 14.27 10.81
N LYS B 189 -13.08 14.21 11.36
CA LYS B 189 -13.88 15.43 11.49
C LYS B 189 -13.22 16.44 12.41
N GLN B 190 -12.47 15.96 13.41
CA GLN B 190 -11.84 16.82 14.40
C GLN B 190 -10.54 17.43 13.95
N THR B 191 -9.97 16.97 12.83
CA THR B 191 -8.64 17.38 12.42
C THR B 191 -8.63 17.96 11.01
N HIS B 192 -9.78 18.38 10.51
CA HIS B 192 -9.86 18.98 9.18
C HIS B 192 -10.89 20.09 9.20
N LYS B 193 -10.79 20.97 8.23
CA LYS B 193 -11.83 21.95 7.96
C LYS B 193 -12.12 21.96 6.47
N MET B 194 -13.32 22.37 6.11
CA MET B 194 -13.77 22.45 4.73
C MET B 194 -14.00 23.90 4.36
N GLN B 195 -13.53 24.29 3.17
CA GLN B 195 -13.78 25.62 2.63
C GLN B 195 -14.56 25.48 1.32
N CYS B 196 -15.73 26.08 1.27
CA CYS B 196 -16.55 26.11 0.06
C CYS B 196 -16.44 27.48 -0.59
N PHE B 197 -16.35 27.49 -1.90
CA PHE B 197 -16.40 28.74 -2.67
C PHE B 197 -17.50 28.63 -3.71
N VAL B 198 -18.51 29.51 -3.60
CA VAL B 198 -19.76 29.33 -4.32
C VAL B 198 -20.11 30.62 -5.05
N VAL B 199 -20.52 30.48 -6.30
CA VAL B 199 -21.02 31.58 -7.11
C VAL B 199 -22.53 31.41 -7.21
N ALA B 200 -23.28 32.37 -6.67
CA ALA B 200 -24.73 32.29 -6.70
C ALA B 200 -25.31 33.67 -6.44
N ASP B 201 -26.51 33.91 -7.00
CA ASP B 201 -27.24 35.14 -6.73
C ASP B 201 -27.50 35.27 -5.25
N ALA B 202 -27.36 36.49 -4.73
CA ALA B 202 -27.44 36.70 -3.29
C ALA B 202 -28.81 36.29 -2.73
N ALA B 203 -29.86 36.35 -3.56
CA ALA B 203 -31.18 35.95 -3.08
C ALA B 203 -31.25 34.46 -2.74
N ASP B 204 -30.31 33.66 -3.24
CA ASP B 204 -30.27 32.23 -2.99
C ASP B 204 -29.30 31.83 -1.88
N HIS B 205 -28.60 32.79 -1.26
CA HIS B 205 -27.52 32.44 -0.33
C HIS B 205 -28.03 31.73 0.91
N GLU B 206 -29.15 32.15 1.46
CA GLU B 206 -29.63 31.51 2.69
C GLU B 206 -29.98 30.05 2.44
N ARG B 207 -30.73 29.78 1.37
CA ARG B 207 -31.11 28.41 1.05
C ARG B 207 -29.88 27.57 0.70
N ILE B 208 -28.96 28.12 -0.09
CA ILE B 208 -27.79 27.35 -0.48
C ILE B 208 -26.93 27.04 0.73
N GLU B 209 -26.72 28.03 1.61
CA GLU B 209 -25.88 27.78 2.77
C GLU B 209 -26.50 26.71 3.66
N ASN B 210 -27.83 26.67 3.74
CA ASN B 210 -28.47 25.64 4.55
C ASN B 210 -28.35 24.27 3.89
N ASP B 211 -28.52 24.20 2.57
CA ASP B 211 -28.33 22.94 1.86
C ASP B 211 -26.90 22.42 2.01
N ILE B 212 -25.92 23.32 2.12
CA ILE B 212 -24.54 22.88 2.35
C ILE B 212 -24.40 22.33 3.77
N ARG B 213 -24.74 23.14 4.77
CA ARG B 213 -24.42 22.76 6.14
C ARG B 213 -25.25 21.57 6.63
N THR B 214 -26.39 21.30 6.01
CA THR B 214 -27.23 20.17 6.39
C THR B 214 -27.12 19.01 5.40
N MET B 215 -26.10 18.99 4.54
CA MET B 215 -26.01 17.92 3.57
C MET B 215 -25.39 16.69 4.26
N PRO B 216 -26.13 15.59 4.36
CA PRO B 216 -25.60 14.43 5.10
C PRO B 216 -24.35 13.87 4.42
N ASP B 217 -23.47 13.32 5.26
CA ASP B 217 -22.30 12.54 4.88
C ASP B 217 -21.18 13.44 4.36
N TYR B 218 -21.49 14.41 3.51
CA TYR B 218 -20.46 15.26 2.93
C TYR B 218 -20.10 16.45 3.80
N PHE B 219 -21.08 17.06 4.47
CA PHE B 219 -20.84 18.31 5.20
C PHE B 219 -21.38 18.28 6.63
N VAL B 220 -22.47 17.54 6.89
CA VAL B 220 -23.05 17.52 8.24
C VAL B 220 -22.00 17.06 9.23
N GLY B 221 -21.78 17.86 10.27
CA GLY B 221 -20.86 17.50 11.32
C GLY B 221 -19.42 17.91 11.11
N TYR B 222 -19.08 18.50 9.98
CA TYR B 222 -17.74 19.04 9.77
C TYR B 222 -17.71 20.52 10.10
N GLU B 223 -16.50 21.01 10.37
CA GLU B 223 -16.23 22.45 10.42
C GLU B 223 -16.15 22.96 8.99
N VAL B 224 -17.10 23.80 8.59
CA VAL B 224 -17.30 24.20 7.21
C VAL B 224 -17.32 25.72 7.14
N GLU B 225 -16.51 26.29 6.25
CA GLU B 225 -16.51 27.71 5.96
C GLU B 225 -17.10 27.93 4.58
N VAL B 226 -18.09 28.81 4.48
CA VAL B 226 -18.81 29.01 3.22
C VAL B 226 -18.51 30.42 2.71
N ASN B 227 -18.03 30.49 1.47
CA ASN B 227 -17.67 31.74 0.81
C ASN B 227 -18.50 31.91 -0.44
N PHE B 228 -19.24 33.02 -0.51
CA PHE B 228 -19.97 33.38 -1.72
C PHE B 228 -19.18 34.46 -2.45
N ILE B 229 -18.72 34.15 -3.66
CA ILE B 229 -17.81 35.01 -4.40
C ILE B 229 -18.39 35.29 -5.78
N ASP B 230 -17.81 36.28 -6.45
CA ASP B 230 -18.27 36.66 -7.78
C ASP B 230 -17.64 35.76 -8.83
N GLU B 231 -18.34 35.63 -9.97
CA GLU B 231 -17.94 34.68 -11.00
C GLU B 231 -16.53 34.95 -11.50
N ALA B 232 -16.20 36.23 -11.73
CA ALA B 232 -14.85 36.58 -12.17
C ALA B 232 -13.81 36.10 -11.18
N THR B 233 -14.07 36.29 -9.88
CA THR B 233 -13.15 35.83 -8.85
C THR B 233 -12.97 34.32 -8.91
N PHE B 234 -14.09 33.60 -9.04
CA PHE B 234 -14.04 32.13 -9.14
C PHE B 234 -13.19 31.71 -10.33
N ASP B 235 -13.45 32.28 -11.51
CA ASP B 235 -12.85 31.77 -12.73
C ASP B 235 -11.34 31.92 -12.76
N SER B 236 -10.78 32.86 -12.00
CA SER B 236 -9.33 33.07 -12.01
C SER B 236 -8.61 32.36 -10.88
N GLU B 237 -9.20 32.29 -9.69
CA GLU B 237 -8.49 31.76 -8.53
C GLU B 237 -8.82 30.31 -8.21
N HIS B 238 -9.80 29.69 -8.86
CA HIS B 238 -10.27 28.38 -8.40
C HIS B 238 -10.30 27.36 -9.54
N THR B 239 -9.28 27.39 -10.41
CA THR B 239 -9.23 26.44 -11.51
C THR B 239 -8.41 25.18 -11.20
N GLY B 240 -7.38 25.29 -10.37
CA GLY B 240 -6.54 24.13 -10.12
C GLY B 240 -7.22 23.10 -9.23
N MET B 241 -6.81 21.83 -9.37
CA MET B 241 -7.38 20.74 -8.57
C MET B 241 -6.29 19.88 -7.91
N PRO B 242 -5.36 20.47 -7.18
CA PRO B 242 -4.40 19.63 -6.45
C PRO B 242 -5.06 19.04 -5.21
N ASN B 243 -4.49 17.94 -4.73
CA ASN B 243 -4.87 17.38 -3.44
C ASN B 243 -3.79 16.36 -3.04
N GLY B 244 -4.06 15.64 -1.97
CA GLY B 244 -3.14 14.65 -1.45
C GLY B 244 -3.54 14.32 -0.02
N GLY B 245 -2.68 13.57 0.65
CA GLY B 245 -2.95 13.30 2.05
C GLY B 245 -1.94 12.32 2.61
N HIS B 246 -2.20 11.89 3.84
CA HIS B 246 -1.30 11.00 4.57
C HIS B 246 -2.13 9.93 5.28
N VAL B 247 -1.64 8.69 5.29
CA VAL B 247 -2.12 7.70 6.24
C VAL B 247 -0.95 7.36 7.14
N ILE B 248 -1.15 7.56 8.45
CA ILE B 248 -0.08 7.41 9.43
C ILE B 248 -0.50 6.38 10.44
N THR B 249 0.31 5.34 10.59
CA THR B 249 0.10 4.29 11.57
C THR B 249 1.36 4.13 12.41
N THR B 250 1.20 4.13 13.72
CA THR B 250 2.26 3.87 14.66
C THR B 250 1.90 2.65 15.49
N GLY B 251 2.91 1.95 15.98
CA GLY B 251 2.64 0.80 16.82
C GLY B 251 3.85 0.48 17.66
N ASP B 252 3.60 -0.24 18.75
CA ASP B 252 4.63 -0.67 19.67
C ASP B 252 4.70 -2.19 19.68
N THR B 253 5.92 -2.73 19.63
CA THR B 253 6.15 -4.16 19.71
C THR B 253 6.82 -4.57 21.02
N GLY B 254 6.59 -3.82 22.10
CA GLY B 254 7.17 -4.14 23.39
C GLY B 254 8.37 -3.29 23.71
N GLY B 255 8.19 -1.97 23.77
CA GLY B 255 9.31 -1.08 23.98
C GLY B 255 9.98 -0.57 22.71
N PHE B 256 9.48 -0.94 21.54
CA PHE B 256 10.03 -0.48 20.26
C PHE B 256 8.88 0.09 19.42
N ASN B 257 9.04 1.32 18.93
CA ASN B 257 8.02 1.95 18.10
C ASN B 257 8.32 1.73 16.62
N HIS B 258 7.26 1.70 15.82
CA HIS B 258 7.37 1.65 14.36
C HIS B 258 6.36 2.64 13.80
N THR B 259 6.73 3.30 12.70
CA THR B 259 5.82 4.21 12.02
C THR B 259 5.72 3.80 10.57
N VAL B 260 4.50 3.70 10.07
CA VAL B 260 4.22 3.47 8.65
C VAL B 260 3.50 4.70 8.14
N GLU B 261 4.03 5.30 7.08
CA GLU B 261 3.41 6.50 6.52
C GLU B 261 3.24 6.34 5.03
N TYR B 262 2.03 6.65 4.54
CA TYR B 262 1.71 6.64 3.12
C TYR B 262 1.29 8.04 2.73
N ILE B 263 1.93 8.60 1.71
CA ILE B 263 1.76 10.01 1.37
C ILE B 263 1.46 10.11 -0.12
N LEU B 264 0.43 10.91 -0.47
CA LEU B 264 0.14 11.26 -1.85
C LEU B 264 0.26 12.77 -2.02
N LYS B 265 0.90 13.19 -3.12
CA LYS B 265 0.96 14.60 -3.52
C LYS B 265 0.54 14.64 -4.98
N LEU B 266 -0.66 15.16 -5.23
CA LEU B 266 -1.30 15.07 -6.54
C LEU B 266 -1.43 16.48 -7.11
N ASP B 267 -0.72 16.75 -8.22
CA ASP B 267 -0.92 18.03 -8.89
C ASP B 267 -2.35 18.15 -9.43
N ARG B 268 -2.96 17.03 -9.81
CA ARG B 268 -4.29 17.07 -10.43
C ARG B 268 -5.08 15.87 -9.93
N ASN B 269 -5.92 16.10 -8.91
CA ASN B 269 -6.75 15.10 -8.26
C ASN B 269 -7.42 14.15 -9.25
N PRO B 270 -8.19 14.62 -10.24
CA PRO B 270 -8.90 13.66 -11.09
C PRO B 270 -7.99 12.80 -11.93
N ASP B 271 -6.76 13.26 -12.21
CA ASP B 271 -5.83 12.44 -12.99
C ASP B 271 -5.39 11.22 -12.18
N PHE B 272 -5.14 11.40 -10.88
CA PHE B 272 -4.68 10.27 -10.10
C PHE B 272 -5.83 9.34 -9.74
N THR B 273 -6.99 9.91 -9.41
CA THR B 273 -8.20 9.10 -9.20
C THR B 273 -8.45 8.21 -10.42
N ALA B 274 -8.38 8.80 -11.63
CA ALA B 274 -8.54 8.03 -12.86
C ALA B 274 -7.46 6.97 -13.02
N SER B 275 -6.21 7.32 -12.70
CA SER B 275 -5.13 6.33 -12.75
C SER B 275 -5.46 5.12 -11.88
N SER B 276 -5.96 5.36 -10.67
CA SER B 276 -6.35 4.26 -9.80
C SER B 276 -7.52 3.49 -10.40
N GLN B 277 -8.53 4.22 -10.88
CA GLN B 277 -9.72 3.58 -11.44
C GLN B 277 -9.37 2.70 -12.64
N ILE B 278 -8.43 3.15 -13.47
CA ILE B 278 -8.03 2.38 -14.65
C ILE B 278 -7.36 1.08 -14.24
N ALA B 279 -6.44 1.15 -13.27
CA ALA B 279 -5.75 -0.05 -12.80
C ALA B 279 -6.74 -1.07 -12.25
N PHE B 280 -7.72 -0.61 -11.46
CA PHE B 280 -8.73 -1.54 -10.97
C PHE B 280 -9.66 -2.02 -12.07
N GLY B 281 -9.81 -1.23 -13.13
CA GLY B 281 -10.50 -1.72 -14.32
C GLY B 281 -9.82 -2.94 -14.93
N ARG B 282 -8.49 -2.84 -15.12
CA ARG B 282 -7.71 -3.99 -15.56
C ARG B 282 -7.94 -5.19 -14.64
N ALA B 283 -7.92 -4.95 -13.33
CA ALA B 283 -8.09 -6.04 -12.38
C ALA B 283 -9.48 -6.68 -12.52
N ALA B 284 -10.53 -5.86 -12.64
CA ALA B 284 -11.88 -6.40 -12.73
C ALA B 284 -12.04 -7.31 -13.93
N HIS B 285 -11.52 -6.89 -15.09
CA HIS B 285 -11.59 -7.72 -16.29
C HIS B 285 -10.84 -9.03 -16.11
N ARG B 286 -9.63 -8.96 -15.56
CA ARG B 286 -8.85 -10.18 -15.34
C ARG B 286 -9.55 -11.10 -14.35
N MET B 287 -10.14 -10.55 -13.29
CA MET B 287 -10.89 -11.37 -12.35
C MET B 287 -12.06 -12.07 -13.03
N LYS B 288 -12.78 -11.36 -13.91
CA LYS B 288 -13.87 -11.99 -14.64
C LYS B 288 -13.36 -13.13 -15.50
N GLN B 289 -12.21 -12.93 -16.15
CA GLN B 289 -11.65 -13.97 -17.00
C GLN B 289 -11.18 -15.17 -16.18
N GLN B 290 -10.75 -14.94 -14.94
CA GLN B 290 -10.45 -16.05 -14.04
C GLN B 290 -11.70 -16.75 -13.51
N GLY B 291 -12.90 -16.31 -13.87
CA GLY B 291 -14.12 -16.95 -13.42
C GLY B 291 -14.84 -16.31 -12.25
N GLN B 292 -14.43 -15.12 -11.83
CA GLN B 292 -15.11 -14.49 -10.69
C GLN B 292 -16.24 -13.61 -11.18
N SER B 293 -17.17 -13.32 -10.26
CA SER B 293 -18.27 -12.39 -10.53
C SER B 293 -18.74 -11.81 -9.22
N GLY B 294 -19.43 -10.67 -9.30
CA GLY B 294 -19.92 -9.96 -8.14
C GLY B 294 -19.16 -8.67 -7.94
N ALA B 295 -19.41 -8.02 -6.82
CA ALA B 295 -18.77 -6.74 -6.52
C ALA B 295 -17.70 -6.89 -5.45
N PHE B 296 -16.62 -6.12 -5.58
CA PHE B 296 -15.45 -6.21 -4.70
C PHE B 296 -14.95 -4.81 -4.37
N THR B 297 -14.55 -4.60 -3.12
CA THR B 297 -13.78 -3.42 -2.75
C THR B 297 -12.31 -3.62 -3.12
N VAL B 298 -11.53 -2.53 -2.98
CA VAL B 298 -10.10 -2.59 -3.25
C VAL B 298 -9.38 -3.49 -2.25
N LEU B 299 -10.01 -3.82 -1.12
CA LEU B 299 -9.40 -4.72 -0.14
C LEU B 299 -9.38 -6.15 -0.61
N GLU B 300 -10.16 -6.47 -1.64
CA GLU B 300 -10.40 -7.84 -2.03
C GLU B 300 -9.67 -8.22 -3.31
N VAL B 301 -8.74 -7.39 -3.76
CA VAL B 301 -8.05 -7.58 -5.03
C VAL B 301 -6.56 -7.77 -4.75
N ALA B 302 -6.01 -8.88 -5.21
CA ALA B 302 -4.58 -9.09 -5.05
C ALA B 302 -3.83 -8.01 -5.83
N PRO B 303 -2.77 -7.45 -5.25
CA PRO B 303 -2.04 -6.35 -5.92
C PRO B 303 -1.63 -6.61 -7.36
N TYR B 304 -1.16 -7.82 -7.71
CA TYR B 304 -0.62 -8.01 -9.06
C TYR B 304 -1.67 -7.80 -10.14
N LEU B 305 -2.95 -7.94 -9.81
CA LEU B 305 -4.01 -7.85 -10.81
C LEU B 305 -4.15 -6.45 -11.39
N LEU B 306 -3.60 -5.43 -10.73
CA LEU B 306 -3.68 -4.07 -11.23
C LEU B 306 -2.69 -3.78 -12.34
N SER B 307 -1.63 -4.58 -12.44
CA SER B 307 -0.47 -4.25 -13.28
C SER B 307 -0.66 -4.73 -14.71
N PRO B 308 -0.22 -3.94 -15.70
CA PRO B 308 -0.20 -4.43 -17.09
C PRO B 308 0.85 -5.51 -17.36
N GLU B 309 1.75 -5.78 -16.43
CA GLU B 309 2.82 -6.75 -16.66
C GLU B 309 2.45 -8.13 -16.12
N ASN B 310 3.13 -9.15 -16.66
CA ASN B 310 2.94 -10.52 -16.20
C ASN B 310 3.38 -10.66 -14.75
N LEU B 311 2.66 -11.50 -14.01
CA LEU B 311 2.98 -11.74 -12.60
C LEU B 311 4.41 -12.26 -12.44
N ASP B 312 4.86 -13.14 -13.34
CA ASP B 312 6.22 -13.65 -13.26
C ASP B 312 7.24 -12.52 -13.36
N ASP B 313 6.95 -11.51 -14.19
CA ASP B 313 7.86 -10.38 -14.34
C ASP B 313 7.88 -9.50 -13.09
N LEU B 314 6.71 -9.27 -12.49
CA LEU B 314 6.66 -8.53 -11.23
C LEU B 314 7.43 -9.25 -10.12
N ILE B 315 7.27 -10.56 -10.03
CA ILE B 315 7.99 -11.32 -8.99
C ILE B 315 9.49 -11.18 -9.17
N ALA B 316 9.97 -11.43 -10.39
CA ALA B 316 11.40 -11.40 -10.63
C ALA B 316 11.97 -10.00 -10.40
N ARG B 317 11.23 -8.95 -10.74
CA ARG B 317 11.79 -7.61 -10.68
C ARG B 317 11.48 -6.85 -9.40
N ASP B 318 10.26 -6.97 -8.87
CA ASP B 318 9.77 -6.03 -7.87
C ASP B 318 9.67 -6.60 -6.47
N VAL B 319 9.72 -7.92 -6.31
CA VAL B 319 9.55 -8.46 -4.97
C VAL B 319 10.87 -8.39 -4.21
PA NAP C . 19.49 -15.11 13.37
O1A NAP C . 19.19 -14.27 14.56
O2A NAP C . 20.89 -15.37 12.90
O5B NAP C . 18.66 -16.53 13.55
C5B NAP C . 18.97 -17.34 12.47
C4B NAP C . 19.01 -18.79 12.98
O4B NAP C . 20.21 -18.95 13.67
C3B NAP C . 17.84 -19.05 13.96
O3B NAP C . 16.76 -19.59 13.28
C2B NAP C . 18.42 -20.16 14.90
O2B NAP C . 18.11 -21.40 14.49
C1B NAP C . 19.99 -19.90 14.74
N9A NAP C . 20.57 -19.35 15.94
C8A NAP C . 20.12 -18.25 16.70
N7A NAP C . 20.90 -18.00 17.78
C5A NAP C . 21.89 -18.99 17.71
C6A NAP C . 23.00 -19.26 18.54
N6A NAP C . 23.23 -18.49 19.64
N1A NAP C . 23.85 -20.29 18.28
C2A NAP C . 23.55 -21.02 17.15
N3A NAP C . 22.54 -20.89 16.26
C4A NAP C . 21.71 -19.83 16.58
O3 NAP C . 18.87 -14.29 12.06
PN NAP C . 17.60 -13.41 12.40
O1N NAP C . 18.05 -12.04 12.75
O2N NAP C . 16.52 -14.13 13.17
O5D NAP C . 16.83 -13.10 10.86
C5D NAP C . 16.58 -14.30 10.21
C4D NAP C . 16.22 -14.01 8.74
O4D NAP C . 15.20 -12.98 8.67
C3D NAP C . 17.43 -13.37 8.01
O3D NAP C . 18.19 -14.35 7.36
C2D NAP C . 16.73 -12.43 6.96
O2D NAP C . 16.83 -12.90 5.67
C1D NAP C . 15.22 -12.46 7.37
N1N NAP C . 14.69 -11.07 7.38
C2N NAP C . 13.78 -10.63 6.40
C3N NAP C . 13.41 -9.31 6.33
C7N NAP C . 12.44 -8.89 5.32
O7N NAP C . 11.99 -7.74 5.26
N7N NAP C . 12.02 -9.82 4.40
C4N NAP C . 13.95 -8.29 7.28
C5N NAP C . 14.84 -8.87 8.32
C6N NAP C . 15.17 -10.17 8.35
P2B NAP C . 17.98 -22.69 15.75
O1X NAP C . 19.42 -22.78 16.15
O2X NAP C . 17.02 -22.16 16.83
O3X NAP C . 17.46 -23.79 14.88
PA NAP D . -18.18 16.33 -12.36
O1A NAP D . -16.89 16.78 -12.94
O2A NAP D . -19.06 17.27 -11.58
O5B NAP D . -19.02 15.60 -13.57
C5B NAP D . -19.76 14.60 -12.97
C4B NAP D . -20.90 14.25 -13.92
O4B NAP D . -21.66 15.42 -14.20
C3B NAP D . -20.24 13.73 -15.21
O3B NAP D . -20.21 12.32 -15.16
C2B NAP D . -21.21 14.23 -16.35
O2B NAP D . -22.12 13.31 -16.73
C1B NAP D . -21.92 15.46 -15.62
N9A NAP D . -21.45 16.75 -16.14
C8A NAP D . -20.13 17.17 -16.36
N7A NAP D . -20.04 18.42 -16.86
C5A NAP D . -21.38 18.84 -16.96
C6A NAP D . -21.97 20.04 -17.39
N6A NAP D . -21.20 21.11 -17.86
N1A NAP D . -23.32 20.19 -17.39
C2A NAP D . -24.04 19.11 -16.94
N3A NAP D . -23.65 17.91 -16.50
C4A NAP D . -22.28 17.80 -16.51
O3 NAP D . -17.72 15.24 -11.20
PN NAP D . -16.17 14.92 -11.34
O1N NAP D . -15.34 16.06 -10.95
O2N NAP D . -15.86 13.99 -12.50
O5D NAP D . -15.80 13.84 -9.98
C5D NAP D . -16.40 12.63 -10.30
C4D NAP D . -16.46 11.75 -9.05
O4D NAP D . -15.17 11.27 -8.72
C3D NAP D . -16.86 12.63 -7.85
O3D NAP D . -18.27 12.64 -7.72
C2D NAP D . -16.17 11.89 -6.68
O2D NAP D . -17.07 11.21 -5.86
C1D NAP D . -15.26 10.82 -7.39
N1N NAP D . -13.90 10.88 -6.83
C2N NAP D . -13.40 9.88 -6.04
C3N NAP D . -12.16 10.03 -5.48
C7N NAP D . -11.70 8.94 -4.70
O7N NAP D . -10.55 8.92 -4.24
N7N NAP D . -12.59 7.87 -4.50
C4N NAP D . -11.30 11.24 -5.67
C5N NAP D . -11.89 12.15 -6.64
C6N NAP D . -13.10 11.95 -7.15
P2B NAP D . -22.80 13.42 -18.40
O1X NAP D . -23.57 14.72 -18.30
O2X NAP D . -21.62 13.46 -19.37
O3X NAP D . -23.63 12.18 -18.38
#